data_5A07
#
_entry.id   5A07
#
_cell.length_a   61.215
_cell.length_b   102.621
_cell.length_c   162.651
_cell.angle_alpha   90.00
_cell.angle_beta   90.00
_cell.angle_gamma   90.00
#
_symmetry.space_group_name_H-M   'P 21 21 21'
#
loop_
_entity.id
_entity.type
_entity.pdbx_description
1 polymer 'PROBABLE MANNOSYLTRANSFERASE KTR4'
2 non-polymer "GUANOSINE-5'-DIPHOSPHATE"
3 non-polymer 'MANGANESE (II) ION'
4 non-polymer 'ACETATE ION'
5 water water
#
_entity_poly.entity_id   1
_entity_poly.type   'polypeptide(L)'
_entity_poly.pdbx_seq_one_letter_code
;SMNENYLQAVKDSAKSQYASLRESYKSITGKTESADELPDHDAEVLDSIMDRLHEPLYEKDTFDPNEVLAENKQLYEEFL
LQEISEPKVDNLVRSGDPLAGKAKGTILSLVRNSDLEDIISSIQQLEEEYNKNFGYPYTFLNDEEFTDEFKDGIKSILPK
DRVVEFGTIGPDNWNMPDSIDRERYDQEMDKMSKENIQYAEVESYHNMCRFYSKEFYHHPLLSKYKYVWRLEPNVNFYCK
INYDVFQFMNKNDKIYGFVLNLYDSPQTIETLWTSTMDFVEEHPNYLNVNGAFAWLKDNSQNPKNYDYTQGYSTCHFWTN
FEIVDLDFLRSEPYEKYMQYLEEKGGFYYERWGDAPVRSLALALFADKSSIHWFRDIGYHHTPYTNCPTCPADSDRCNGN
CVPGKFTPWSDLDNQNCQATWIRHSMSEEELEMY
;
_entity_poly.pdbx_strand_id   A,B
#
loop_
_chem_comp.id
_chem_comp.type
_chem_comp.name
_chem_comp.formula
ACT non-polymer 'ACETATE ION' 'C2 H3 O2 -1'
GDP RNA linking GUANOSINE-5'-DIPHOSPHATE 'C10 H15 N5 O11 P2'
MN non-polymer 'MANGANESE (II) ION' 'Mn 2'
#
# COMPACT_ATOMS: atom_id res chain seq x y z
N ASP A 40 -22.04 -47.80 -23.53
CA ASP A 40 -20.96 -47.77 -22.45
C ASP A 40 -21.35 -46.75 -21.38
N HIS A 41 -21.35 -47.21 -20.12
CA HIS A 41 -21.87 -46.36 -19.10
C HIS A 41 -21.01 -45.04 -18.90
N ASP A 42 -19.70 -45.20 -18.83
CA ASP A 42 -18.76 -44.05 -18.66
C ASP A 42 -18.97 -43.01 -19.72
N ALA A 43 -19.27 -43.43 -20.93
CA ALA A 43 -19.49 -42.51 -22.02
C ALA A 43 -20.83 -41.81 -21.97
N GLU A 44 -21.86 -42.44 -21.44
CA GLU A 44 -23.11 -41.70 -21.24
C GLU A 44 -22.88 -40.67 -20.09
N VAL A 45 -22.07 -41.01 -19.08
CA VAL A 45 -21.80 -40.10 -17.97
C VAL A 45 -21.14 -38.88 -18.58
N LEU A 46 -20.14 -39.10 -19.42
CA LEU A 46 -19.44 -37.96 -20.09
C LEU A 46 -20.38 -37.14 -20.92
N ASP A 47 -21.28 -37.79 -21.66
CA ASP A 47 -22.25 -37.03 -22.46
C ASP A 47 -23.19 -36.20 -21.62
N SER A 48 -23.63 -36.74 -20.51
CA SER A 48 -24.47 -35.95 -19.64
C SER A 48 -23.68 -34.80 -18.96
N ILE A 49 -22.36 -34.98 -18.78
CA ILE A 49 -21.53 -33.86 -18.28
C ILE A 49 -21.46 -32.76 -19.35
N MET A 50 -21.24 -33.15 -20.59
CA MET A 50 -21.19 -32.20 -21.74
C MET A 50 -22.44 -31.46 -21.94
N ASP A 51 -23.57 -32.16 -21.76
CA ASP A 51 -24.90 -31.48 -21.73
C ASP A 51 -25.05 -30.44 -20.60
N ARG A 52 -24.67 -30.83 -19.38
CA ARG A 52 -24.70 -29.85 -18.28
C ARG A 52 -23.83 -28.61 -18.57
N LEU A 53 -22.74 -28.80 -19.28
CA LEU A 53 -21.81 -27.73 -19.61
C LEU A 53 -22.34 -26.84 -20.71
N HIS A 54 -23.42 -27.25 -21.34
CA HIS A 54 -24.04 -26.45 -22.41
C HIS A 54 -25.41 -25.95 -22.09
N GLU A 55 -25.81 -26.02 -20.84
CA GLU A 55 -27.05 -25.35 -20.44
C GLU A 55 -26.89 -24.59 -19.11
N PRO A 56 -27.64 -23.50 -18.94
CA PRO A 56 -27.52 -22.74 -17.70
C PRO A 56 -27.90 -23.54 -16.49
N LEU A 57 -27.31 -23.21 -15.35
CA LEU A 57 -27.68 -23.90 -14.14
C LEU A 57 -29.17 -23.66 -13.81
N TYR A 58 -29.69 -22.48 -14.07
CA TYR A 58 -31.05 -22.15 -13.81
C TYR A 58 -31.72 -21.71 -15.09
N GLU A 59 -33.01 -22.08 -15.32
CA GLU A 59 -33.64 -21.69 -16.62
C GLU A 59 -33.80 -20.24 -16.69
N LYS A 60 -33.44 -19.73 -17.84
CA LYS A 60 -33.45 -18.31 -18.12
C LYS A 60 -34.81 -17.70 -17.74
N ASP A 61 -34.79 -16.48 -17.22
CA ASP A 61 -36.02 -15.75 -16.87
C ASP A 61 -36.97 -16.39 -15.84
N THR A 62 -36.45 -17.27 -14.98
CA THR A 62 -37.21 -17.79 -13.87
C THR A 62 -36.67 -17.34 -12.50
N PHE A 63 -35.87 -16.27 -12.45
CA PHE A 63 -35.26 -15.80 -11.19
C PHE A 63 -35.10 -14.36 -11.33
N ASP A 64 -35.05 -13.64 -10.21
CA ASP A 64 -34.73 -12.25 -10.23
C ASP A 64 -33.30 -12.16 -9.63
N PRO A 65 -32.32 -11.68 -10.43
CA PRO A 65 -30.90 -11.49 -9.94
C PRO A 65 -30.78 -10.63 -8.67
N ASN A 66 -31.69 -9.70 -8.41
CA ASN A 66 -31.66 -8.94 -7.15
C ASN A 66 -32.06 -9.77 -5.95
N GLU A 67 -33.04 -10.66 -6.09
CA GLU A 67 -33.38 -11.54 -5.01
C GLU A 67 -32.25 -12.55 -4.82
N VAL A 68 -31.67 -13.02 -5.93
CA VAL A 68 -30.57 -14.00 -5.87
C VAL A 68 -29.38 -13.42 -5.05
N LEU A 69 -29.05 -12.19 -5.33
CA LEU A 69 -27.99 -11.49 -4.67
C LEU A 69 -28.30 -11.41 -3.18
N ALA A 70 -29.54 -11.14 -2.84
CA ALA A 70 -29.89 -11.00 -1.46
C ALA A 70 -29.73 -12.32 -0.75
N GLU A 71 -30.18 -13.39 -1.38
CA GLU A 71 -30.04 -14.68 -0.76
C GLU A 71 -28.55 -15.11 -0.66
N ASN A 72 -27.77 -14.77 -1.67
CA ASN A 72 -26.33 -15.18 -1.69
C ASN A 72 -25.54 -14.39 -0.65
N LYS A 73 -25.86 -13.11 -0.48
CA LYS A 73 -25.29 -12.37 0.63
C LYS A 73 -25.63 -12.96 1.98
N GLN A 74 -26.87 -13.41 2.17
CA GLN A 74 -27.24 -14.04 3.45
C GLN A 74 -26.53 -15.33 3.68
N LEU A 75 -26.40 -16.14 2.65
CA LEU A 75 -25.68 -17.40 2.82
C LEU A 75 -24.18 -17.13 3.15
N TYR A 76 -23.55 -16.20 2.43
CA TYR A 76 -22.17 -15.77 2.75
C TYR A 76 -22.06 -15.31 4.18
N GLU A 77 -22.96 -14.43 4.59
CA GLU A 77 -23.00 -13.96 5.95
C GLU A 77 -23.12 -15.06 6.99
N GLU A 78 -23.99 -16.04 6.76
N GLU A 78 -24.01 -16.02 6.76
CA GLU A 78 -24.19 -17.13 7.69
CA GLU A 78 -24.19 -17.18 7.65
C GLU A 78 -22.92 -17.96 7.88
C GLU A 78 -22.87 -17.88 7.90
N PHE A 79 -22.14 -18.15 6.82
CA PHE A 79 -20.87 -18.84 6.93
C PHE A 79 -19.84 -17.95 7.64
N LEU A 80 -19.76 -16.69 7.25
CA LEU A 80 -18.75 -15.84 7.83
C LEU A 80 -18.97 -15.55 9.34
N LEU A 81 -20.23 -15.64 9.79
CA LEU A 81 -20.58 -15.51 11.22
C LEU A 81 -20.20 -16.70 12.07
N GLN A 82 -19.93 -17.82 11.46
CA GLN A 82 -19.64 -18.97 12.25
CA GLN A 82 -19.61 -19.00 12.22
C GLN A 82 -18.29 -18.79 12.95
N GLU A 83 -18.26 -19.06 14.25
CA GLU A 83 -17.03 -19.05 15.01
C GLU A 83 -16.13 -20.19 14.57
N ILE A 84 -15.00 -19.91 13.99
CA ILE A 84 -14.09 -20.97 13.55
C ILE A 84 -12.72 -20.74 14.10
N SER A 85 -11.92 -21.80 14.05
CA SER A 85 -10.52 -21.69 14.38
C SER A 85 -9.62 -22.33 13.35
N GLU A 86 -9.66 -23.63 13.23
CA GLU A 86 -8.82 -24.32 12.30
C GLU A 86 -9.51 -25.56 11.75
N PRO A 87 -8.94 -26.17 10.71
CA PRO A 87 -9.59 -27.33 10.12
C PRO A 87 -9.82 -28.43 11.15
N LYS A 88 -10.99 -29.04 11.08
CA LYS A 88 -11.42 -30.10 12.01
C LYS A 88 -11.00 -31.43 11.49
N VAL A 89 -9.70 -31.66 11.54
CA VAL A 89 -9.09 -32.89 11.04
C VAL A 89 -8.09 -33.32 12.11
N ASP A 90 -7.71 -34.60 12.16
CA ASP A 90 -6.92 -35.10 13.32
C ASP A 90 -5.47 -35.25 12.98
N ASN A 91 -5.04 -34.61 11.92
CA ASN A 91 -3.69 -34.80 11.43
C ASN A 91 -2.96 -33.48 11.18
N LEU A 92 -3.33 -32.41 11.88
CA LEU A 92 -2.56 -31.16 11.77
C LEU A 92 -1.15 -31.26 12.28
N VAL A 93 -0.23 -30.59 11.61
CA VAL A 93 1.15 -30.57 11.98
C VAL A 93 1.54 -29.27 12.63
N ARG A 94 1.95 -29.37 13.88
CA ARG A 94 2.24 -28.21 14.68
C ARG A 94 3.69 -27.83 14.56
N SER A 95 3.94 -26.60 14.90
CA SER A 95 5.29 -25.99 14.84
C SER A 95 6.22 -26.87 15.63
N GLY A 96 7.37 -27.23 15.14
CA GLY A 96 8.22 -28.15 15.94
C GLY A 96 7.84 -29.63 16.02
N ASP A 97 6.69 -30.07 15.51
CA ASP A 97 6.46 -31.47 15.22
C ASP A 97 7.48 -31.93 14.17
N PRO A 98 7.75 -33.24 14.12
CA PRO A 98 8.78 -33.72 13.18
C PRO A 98 8.49 -33.37 11.71
N LEU A 99 7.23 -33.39 11.31
CA LEU A 99 6.89 -33.03 9.91
C LEU A 99 6.81 -31.51 9.63
N ALA A 100 6.99 -30.69 10.63
CA ALA A 100 6.84 -29.25 10.44
C ALA A 100 7.93 -28.70 9.55
N GLY A 101 7.57 -27.94 8.52
CA GLY A 101 8.59 -27.40 7.70
C GLY A 101 9.14 -28.39 6.67
N LYS A 102 8.63 -29.60 6.61
CA LYS A 102 9.27 -30.59 5.74
C LYS A 102 8.62 -30.81 4.41
N ALA A 103 7.50 -30.18 4.12
CA ALA A 103 6.91 -30.31 2.80
C ALA A 103 7.86 -29.68 1.81
N LYS A 104 7.78 -30.11 0.58
CA LYS A 104 8.61 -29.49 -0.43
C LYS A 104 7.85 -28.31 -1.02
N GLY A 105 7.95 -27.20 -0.34
CA GLY A 105 7.15 -26.05 -0.66
C GLY A 105 7.89 -24.76 -0.50
N THR A 106 7.38 -23.75 -1.18
CA THR A 106 7.94 -22.42 -1.11
C THR A 106 6.84 -21.35 -1.18
N ILE A 107 7.14 -20.20 -0.61
CA ILE A 107 6.36 -19.03 -0.82
C ILE A 107 6.89 -18.30 -2.08
N LEU A 108 6.03 -18.08 -3.05
CA LEU A 108 6.46 -17.55 -4.32
C LEU A 108 5.93 -16.16 -4.57
N SER A 109 6.80 -15.27 -5.03
CA SER A 109 6.38 -13.96 -5.48
C SER A 109 7.02 -13.62 -6.79
N LEU A 110 6.20 -13.30 -7.78
CA LEU A 110 6.61 -12.70 -9.03
C LEU A 110 6.51 -11.19 -8.78
N VAL A 111 7.66 -10.47 -8.80
CA VAL A 111 7.67 -9.06 -8.44
C VAL A 111 8.76 -8.34 -9.21
N ARG A 112 8.58 -7.02 -9.30
CA ARG A 112 9.55 -6.13 -9.95
C ARG A 112 10.50 -5.61 -8.88
N ASN A 113 11.67 -5.11 -9.28
CA ASN A 113 12.56 -4.38 -8.36
C ASN A 113 11.84 -3.21 -7.65
N SER A 114 10.99 -2.53 -8.37
CA SER A 114 10.24 -1.40 -7.83
C SER A 114 9.11 -1.84 -6.86
N ASP A 115 8.87 -3.15 -6.67
CA ASP A 115 7.88 -3.65 -5.72
C ASP A 115 8.48 -3.95 -4.38
N LEU A 116 9.74 -3.59 -4.16
CA LEU A 116 10.44 -4.00 -2.94
C LEU A 116 9.68 -3.66 -1.65
N GLU A 117 9.24 -2.43 -1.51
CA GLU A 117 8.63 -2.07 -0.21
C GLU A 117 7.28 -2.76 0.02
N ASP A 118 6.52 -2.87 -1.04
CA ASP A 118 5.13 -3.43 -1.00
C ASP A 118 5.18 -4.94 -0.81
N ILE A 119 6.19 -5.59 -1.37
CA ILE A 119 6.41 -7.02 -1.04
C ILE A 119 6.96 -7.26 0.33
N ILE A 120 7.84 -6.40 0.84
CA ILE A 120 8.26 -6.46 2.21
C ILE A 120 7.05 -6.44 3.20
N SER A 121 6.13 -5.54 2.92
CA SER A 121 4.96 -5.37 3.78
C SER A 121 4.19 -6.72 3.81
N SER A 122 4.01 -7.34 2.62
CA SER A 122 3.31 -8.63 2.53
C SER A 122 4.05 -9.74 3.34
N ILE A 123 5.35 -9.84 3.13
CA ILE A 123 6.15 -10.80 3.74
C ILE A 123 6.09 -10.66 5.27
N GLN A 124 6.15 -9.44 5.77
CA GLN A 124 6.17 -9.25 7.23
C GLN A 124 4.87 -9.77 7.83
N GLN A 125 3.78 -9.52 7.13
CA GLN A 125 2.50 -10.09 7.58
C GLN A 125 2.38 -11.58 7.50
N LEU A 126 2.91 -12.15 6.42
CA LEU A 126 2.91 -13.64 6.31
C LEU A 126 3.83 -14.25 7.35
N GLU A 127 4.97 -13.59 7.65
CA GLU A 127 5.83 -14.12 8.70
C GLU A 127 5.10 -14.10 10.09
N GLU A 128 4.51 -12.96 10.40
CA GLU A 128 3.86 -12.71 11.69
C GLU A 128 2.67 -13.64 11.92
N GLU A 129 1.90 -13.93 10.89
CA GLU A 129 0.72 -14.73 11.04
C GLU A 129 0.95 -16.22 10.78
N TYR A 130 2.05 -16.57 10.11
CA TYR A 130 2.29 -17.96 9.79
C TYR A 130 3.76 -18.36 9.79
N ASN A 131 4.51 -17.78 8.90
CA ASN A 131 5.76 -18.43 8.52
C ASN A 131 6.91 -18.37 9.56
N LYS A 132 6.83 -17.47 10.54
CA LYS A 132 7.86 -17.41 11.55
C LYS A 132 7.85 -18.70 12.34
N ASN A 133 6.76 -19.46 12.35
CA ASN A 133 6.72 -20.72 13.07
C ASN A 133 7.00 -21.95 12.25
N PHE A 134 7.18 -21.78 10.95
CA PHE A 134 7.34 -22.91 10.05
C PHE A 134 8.55 -22.79 9.13
N GLY A 135 8.92 -21.60 8.71
CA GLY A 135 10.20 -21.38 8.07
C GLY A 135 10.33 -21.87 6.65
N TYR A 136 9.23 -21.90 5.91
CA TYR A 136 9.31 -22.20 4.47
C TYR A 136 10.12 -21.11 3.77
N PRO A 137 10.87 -21.52 2.74
CA PRO A 137 11.63 -20.58 1.93
C PRO A 137 10.79 -19.70 1.06
N TYR A 138 11.37 -18.59 0.64
CA TYR A 138 10.85 -17.70 -0.34
C TYR A 138 11.58 -17.80 -1.66
N THR A 139 10.80 -17.79 -2.74
CA THR A 139 11.31 -17.79 -4.06
C THR A 139 10.76 -16.56 -4.76
N PHE A 140 11.66 -15.74 -5.27
CA PHE A 140 11.30 -14.56 -6.07
C PHE A 140 11.64 -14.68 -7.51
N LEU A 141 10.72 -14.29 -8.39
CA LEU A 141 10.97 -14.32 -9.83
C LEU A 141 10.68 -12.99 -10.43
N ASN A 142 11.42 -12.65 -11.50
CA ASN A 142 11.26 -11.39 -12.17
C ASN A 142 11.70 -11.57 -13.62
N ASP A 143 11.06 -10.85 -14.50
CA ASP A 143 11.45 -10.82 -15.90
C ASP A 143 12.74 -10.03 -16.15
N GLU A 144 13.11 -9.15 -15.25
CA GLU A 144 14.44 -8.48 -15.26
C GLU A 144 15.18 -9.07 -14.12
N GLU A 145 16.49 -8.91 -14.09
CA GLU A 145 17.29 -9.33 -12.99
C GLU A 145 17.01 -8.54 -11.75
N PHE A 146 17.00 -9.23 -10.61
CA PHE A 146 16.82 -8.52 -9.37
C PHE A 146 18.14 -7.80 -9.06
N THR A 147 18.08 -6.56 -8.58
CA THR A 147 19.29 -5.87 -8.13
C THR A 147 19.78 -6.37 -6.84
N ASP A 148 21.06 -6.11 -6.54
CA ASP A 148 21.57 -6.45 -5.23
C ASP A 148 20.80 -5.71 -4.12
N GLU A 149 20.37 -4.51 -4.38
CA GLU A 149 19.63 -3.74 -3.35
C GLU A 149 18.28 -4.38 -3.03
N PHE A 150 17.60 -4.88 -4.06
CA PHE A 150 16.42 -5.74 -3.84
C PHE A 150 16.67 -6.92 -2.95
N LYS A 151 17.69 -7.70 -3.32
CA LYS A 151 18.03 -8.85 -2.49
C LYS A 151 18.38 -8.54 -1.07
N ASP A 152 19.20 -7.51 -0.89
CA ASP A 152 19.65 -7.15 0.43
C ASP A 152 18.52 -6.63 1.26
N GLY A 153 17.61 -5.94 0.60
CA GLY A 153 16.41 -5.40 1.32
C GLY A 153 15.57 -6.56 1.86
N ILE A 154 15.31 -7.57 1.02
CA ILE A 154 14.55 -8.76 1.40
C ILE A 154 15.25 -9.46 2.51
N LYS A 155 16.57 -9.72 2.38
CA LYS A 155 17.24 -10.42 3.47
C LYS A 155 17.30 -9.65 4.77
N SER A 156 17.34 -8.34 4.67
CA SER A 156 17.40 -7.54 5.91
C SER A 156 16.12 -7.64 6.77
N ILE A 157 14.97 -8.06 6.19
CA ILE A 157 13.73 -8.03 6.98
C ILE A 157 13.29 -9.39 7.37
N LEU A 158 14.08 -10.40 7.02
CA LEU A 158 13.81 -11.77 7.39
C LEU A 158 14.81 -12.32 8.36
N PRO A 159 14.48 -13.41 9.07
CA PRO A 159 15.53 -13.96 9.94
C PRO A 159 16.72 -14.44 9.16
N LYS A 160 17.89 -14.47 9.82
CA LYS A 160 19.16 -14.88 9.17
C LYS A 160 19.12 -16.24 8.55
N ASP A 161 18.44 -17.17 9.19
CA ASP A 161 18.36 -18.52 8.70
C ASP A 161 17.21 -18.79 7.67
N ARG A 162 16.45 -17.78 7.23
CA ARG A 162 15.36 -18.03 6.28
C ARG A 162 15.97 -18.11 4.89
N VAL A 163 15.62 -19.15 4.17
CA VAL A 163 16.17 -19.33 2.82
C VAL A 163 15.38 -18.53 1.79
N VAL A 164 16.08 -17.78 0.96
CA VAL A 164 15.54 -17.03 -0.11
C VAL A 164 16.29 -17.35 -1.38
N GLU A 165 15.59 -17.38 -2.50
CA GLU A 165 16.20 -17.52 -3.82
C GLU A 165 15.58 -16.54 -4.74
N PHE A 166 16.37 -16.05 -5.65
CA PHE A 166 15.95 -15.04 -6.64
C PHE A 166 16.26 -15.53 -8.03
N GLY A 167 15.31 -15.47 -8.95
CA GLY A 167 15.50 -15.95 -10.27
C GLY A 167 15.02 -15.02 -11.31
N THR A 168 15.74 -14.98 -12.43
CA THR A 168 15.29 -14.24 -13.57
C THR A 168 14.50 -15.13 -14.50
N ILE A 169 13.52 -14.61 -15.17
CA ILE A 169 12.78 -15.39 -16.13
C ILE A 169 13.39 -15.13 -17.54
N GLY A 170 13.76 -16.20 -18.24
CA GLY A 170 14.34 -16.12 -19.57
C GLY A 170 13.40 -15.40 -20.49
N PRO A 171 13.91 -14.55 -21.36
CA PRO A 171 13.01 -13.79 -22.23
C PRO A 171 12.04 -14.60 -23.09
N ASP A 172 12.46 -15.76 -23.55
CA ASP A 172 11.56 -16.62 -24.35
C ASP A 172 10.43 -17.21 -23.49
N ASN A 173 10.59 -17.19 -22.16
CA ASN A 173 9.57 -17.72 -21.24
C ASN A 173 8.66 -16.61 -20.66
N TRP A 174 8.81 -15.39 -21.17
CA TRP A 174 8.05 -14.25 -20.71
C TRP A 174 7.44 -13.45 -21.85
N ASN A 175 8.26 -13.06 -22.83
CA ASN A 175 7.79 -12.13 -23.88
C ASN A 175 6.70 -12.74 -24.78
N MET A 176 5.90 -11.87 -25.36
CA MET A 176 4.95 -12.24 -26.37
C MET A 176 5.66 -13.12 -27.42
N PRO A 177 5.10 -14.29 -27.72
CA PRO A 177 5.78 -15.21 -28.67
C PRO A 177 5.55 -14.76 -30.13
N ASP A 178 6.34 -15.31 -31.04
CA ASP A 178 6.23 -14.92 -32.50
C ASP A 178 4.92 -15.39 -33.13
N SER A 179 4.30 -16.40 -32.54
CA SER A 179 3.00 -16.85 -32.97
C SER A 179 1.91 -15.77 -32.91
N ILE A 180 2.12 -14.66 -32.21
CA ILE A 180 1.12 -13.60 -32.10
C ILE A 180 1.37 -12.55 -33.17
N ASP A 181 0.31 -12.11 -33.82
CA ASP A 181 0.37 -11.01 -34.76
C ASP A 181 0.27 -9.68 -34.01
N ARG A 182 1.40 -9.01 -33.88
CA ARG A 182 1.48 -7.81 -33.07
C ARG A 182 0.55 -6.70 -33.54
N GLU A 183 0.32 -6.59 -34.84
CA GLU A 183 -0.58 -5.52 -35.29
C GLU A 183 -2.02 -5.90 -34.92
N ARG A 184 -2.36 -7.18 -34.99
CA ARG A 184 -3.67 -7.57 -34.46
C ARG A 184 -3.81 -7.26 -32.93
N TYR A 185 -2.78 -7.64 -32.21
CA TYR A 185 -2.72 -7.37 -30.79
C TYR A 185 -3.00 -5.89 -30.54
N ASP A 186 -2.31 -5.04 -31.31
CA ASP A 186 -2.46 -3.58 -31.09
C ASP A 186 -3.86 -3.11 -31.31
N GLN A 187 -4.46 -3.59 -32.38
CA GLN A 187 -5.79 -3.15 -32.73
C GLN A 187 -6.79 -3.68 -31.71
N GLU A 188 -6.71 -4.99 -31.39
CA GLU A 188 -7.64 -5.53 -30.38
C GLU A 188 -7.56 -4.78 -29.05
N MET A 189 -6.35 -4.45 -28.63
CA MET A 189 -6.20 -3.80 -27.36
C MET A 189 -6.59 -2.29 -27.42
N ASP A 190 -6.44 -1.70 -28.59
CA ASP A 190 -7.04 -0.39 -28.79
C ASP A 190 -8.55 -0.44 -28.60
N LYS A 191 -9.26 -1.34 -29.28
CA LYS A 191 -10.70 -1.47 -29.08
C LYS A 191 -11.07 -1.69 -27.63
N MET A 192 -10.36 -2.64 -27.00
CA MET A 192 -10.58 -2.97 -25.59
C MET A 192 -10.34 -1.78 -24.63
N SER A 193 -9.32 -0.96 -24.91
CA SER A 193 -9.10 0.22 -24.04
C SER A 193 -10.26 1.23 -24.10
N LYS A 194 -10.95 1.32 -25.24
CA LYS A 194 -12.08 2.25 -25.35
C LYS A 194 -13.22 1.79 -24.47
N GLU A 195 -13.33 0.48 -24.24
CA GLU A 195 -14.22 -0.06 -23.19
C GLU A 195 -13.67 0.11 -21.79
N ASN A 196 -12.55 0.78 -21.63
CA ASN A 196 -11.92 0.93 -20.34
C ASN A 196 -11.62 -0.36 -19.58
N ILE A 197 -11.12 -1.35 -20.27
CA ILE A 197 -10.69 -2.57 -19.59
C ILE A 197 -9.30 -2.36 -19.02
N GLN A 198 -9.18 -2.52 -17.71
CA GLN A 198 -7.94 -2.37 -17.04
C GLN A 198 -6.80 -3.20 -17.67
N TYR A 199 -5.67 -2.51 -17.85
CA TYR A 199 -4.44 -3.07 -18.38
C TYR A 199 -4.48 -3.55 -19.83
N ALA A 200 -5.50 -3.19 -20.58
CA ALA A 200 -5.66 -3.75 -21.92
C ALA A 200 -4.43 -3.47 -22.76
N GLU A 201 -3.86 -2.27 -22.66
CA GLU A 201 -2.72 -1.91 -23.50
C GLU A 201 -1.41 -2.01 -22.75
N VAL A 202 -1.39 -2.65 -21.58
CA VAL A 202 -0.15 -2.88 -20.88
C VAL A 202 0.39 -4.27 -21.25
N GLU A 203 1.36 -4.34 -22.16
CA GLU A 203 1.81 -5.62 -22.65
C GLU A 203 2.38 -6.52 -21.50
N SER A 204 3.07 -5.92 -20.55
CA SER A 204 3.67 -6.64 -19.42
C SER A 204 2.59 -7.45 -18.63
N TYR A 205 1.36 -6.93 -18.59
CA TYR A 205 0.28 -7.53 -17.84
C TYR A 205 -0.22 -8.77 -18.54
N HIS A 206 -0.34 -8.67 -19.86
CA HIS A 206 -0.59 -9.88 -20.68
C HIS A 206 0.47 -10.95 -20.44
N ASN A 207 1.75 -10.53 -20.45
CA ASN A 207 2.86 -11.46 -20.25
C ASN A 207 2.76 -12.09 -18.88
N MET A 208 2.44 -11.30 -17.88
CA MET A 208 2.23 -11.85 -16.51
C MET A 208 1.12 -12.88 -16.44
N CYS A 209 -0.01 -12.57 -17.03
CA CYS A 209 -1.12 -13.48 -16.97
C CYS A 209 -0.79 -14.87 -17.60
N ARG A 210 -0.13 -14.80 -18.72
CA ARG A 210 0.26 -16.02 -19.42
C ARG A 210 1.33 -16.76 -18.59
N PHE A 211 2.29 -16.00 -18.03
CA PHE A 211 3.35 -16.61 -17.26
C PHE A 211 2.72 -17.34 -16.08
N TYR A 212 1.84 -16.62 -15.36
CA TYR A 212 1.22 -17.22 -14.14
C TYR A 212 0.24 -18.38 -14.49
N SER A 213 -0.23 -18.41 -15.73
CA SER A 213 -1.12 -19.52 -16.15
C SER A 213 -0.29 -20.79 -16.47
N LYS A 214 0.75 -20.62 -17.29
CA LYS A 214 1.37 -21.81 -17.93
C LYS A 214 2.87 -21.98 -17.80
N GLU A 215 3.58 -21.02 -17.20
CA GLU A 215 5.03 -21.05 -17.24
C GLU A 215 5.71 -21.06 -15.92
N PHE A 216 5.14 -20.42 -14.88
CA PHE A 216 5.89 -20.23 -13.65
C PHE A 216 6.39 -21.51 -13.06
N TYR A 217 5.59 -22.57 -13.13
CA TYR A 217 5.95 -23.83 -12.49
C TYR A 217 7.07 -24.59 -13.27
N HIS A 218 7.40 -24.12 -14.47
CA HIS A 218 8.55 -24.62 -15.20
C HIS A 218 9.77 -23.83 -14.92
N HIS A 219 9.74 -22.78 -14.12
CA HIS A 219 10.98 -22.13 -13.78
C HIS A 219 11.90 -23.11 -13.05
N PRO A 220 13.21 -23.14 -13.42
CA PRO A 220 14.12 -24.11 -12.74
C PRO A 220 14.15 -24.06 -11.24
N LEU A 221 14.00 -22.86 -10.65
CA LEU A 221 14.01 -22.75 -9.20
C LEU A 221 12.85 -23.45 -8.53
N LEU A 222 11.78 -23.60 -9.27
CA LEU A 222 10.59 -24.23 -8.76
C LEU A 222 10.51 -25.76 -9.05
N SER A 223 11.46 -26.27 -9.82
CA SER A 223 11.47 -27.67 -10.19
C SER A 223 11.49 -28.58 -8.94
N LYS A 224 12.18 -28.16 -7.91
CA LYS A 224 12.32 -28.96 -6.74
C LYS A 224 11.12 -28.93 -5.75
N TYR A 225 10.10 -28.12 -6.04
CA TYR A 225 8.97 -27.96 -5.09
C TYR A 225 7.71 -28.62 -5.62
N LYS A 226 6.94 -29.17 -4.72
CA LYS A 226 5.61 -29.68 -5.02
C LYS A 226 4.52 -28.60 -4.78
N TYR A 227 4.74 -27.76 -3.77
CA TYR A 227 3.74 -26.74 -3.39
C TYR A 227 4.28 -25.35 -3.49
N VAL A 228 3.39 -24.41 -3.89
CA VAL A 228 3.66 -22.96 -3.83
C VAL A 228 2.54 -22.26 -3.04
N TRP A 229 2.93 -21.23 -2.30
CA TRP A 229 2.01 -20.25 -1.66
C TRP A 229 2.31 -18.95 -2.37
N ARG A 230 1.43 -18.56 -3.29
CA ARG A 230 1.61 -17.33 -4.03
C ARG A 230 1.33 -16.13 -3.20
N LEU A 231 2.28 -15.23 -3.20
CA LEU A 231 2.23 -14.00 -2.42
C LEU A 231 2.39 -12.81 -3.38
N GLU A 232 1.53 -11.80 -3.24
CA GLU A 232 1.66 -10.60 -4.02
C GLU A 232 2.01 -9.40 -3.13
N PRO A 233 2.47 -8.32 -3.74
CA PRO A 233 2.69 -7.08 -2.97
C PRO A 233 1.40 -6.46 -2.41
N ASN A 234 1.56 -5.79 -1.28
CA ASN A 234 0.52 -4.97 -0.70
C ASN A 234 -0.71 -5.76 -0.22
N VAL A 235 -0.48 -6.96 0.34
CA VAL A 235 -1.55 -7.75 0.90
C VAL A 235 -1.46 -7.82 2.40
N ASN A 236 -2.56 -8.23 3.04
CA ASN A 236 -2.65 -8.32 4.49
C ASN A 236 -3.08 -9.64 4.96
N PHE A 237 -2.50 -10.08 6.08
CA PHE A 237 -2.95 -11.31 6.75
C PHE A 237 -3.36 -10.92 8.16
N TYR A 238 -4.45 -11.46 8.65
CA TYR A 238 -5.05 -11.00 9.90
C TYR A 238 -5.05 -12.03 10.98
N CYS A 239 -4.83 -13.32 10.69
CA CYS A 239 -5.17 -14.35 11.66
C CYS A 239 -4.06 -15.36 11.71
N LYS A 240 -3.73 -15.76 12.93
CA LYS A 240 -2.68 -16.71 13.16
C LYS A 240 -3.02 -18.07 12.65
N ILE A 241 -2.06 -18.68 11.98
CA ILE A 241 -2.19 -20.05 11.43
C ILE A 241 -1.16 -20.93 12.12
N ASN A 242 -1.65 -21.90 12.90
CA ASN A 242 -0.82 -22.66 13.83
C ASN A 242 -0.65 -24.09 13.43
N TYR A 243 -0.84 -24.37 12.15
CA TYR A 243 -0.53 -25.66 11.55
C TYR A 243 0.18 -25.43 10.22
N ASP A 244 0.92 -26.44 9.80
CA ASP A 244 1.71 -26.42 8.54
C ASP A 244 0.74 -26.62 7.40
N VAL A 245 0.57 -25.52 6.65
CA VAL A 245 -0.45 -25.46 5.59
C VAL A 245 -0.16 -26.47 4.49
N PHE A 246 1.07 -26.54 4.02
CA PHE A 246 1.42 -27.47 2.94
C PHE A 246 1.27 -28.93 3.41
N GLN A 247 1.63 -29.24 4.67
CA GLN A 247 1.33 -30.59 5.21
C GLN A 247 -0.16 -30.84 5.40
N PHE A 248 -0.98 -29.81 5.70
CA PHE A 248 -2.41 -29.99 5.65
C PHE A 248 -2.88 -30.39 4.31
N MET A 249 -2.39 -29.72 3.29
CA MET A 249 -2.82 -30.05 1.92
C MET A 249 -2.41 -31.51 1.55
N ASN A 250 -1.19 -31.86 1.90
CA ASN A 250 -0.67 -33.20 1.56
C ASN A 250 -1.40 -34.30 2.32
N LYS A 251 -1.51 -34.15 3.64
CA LYS A 251 -2.20 -35.19 4.43
C LYS A 251 -3.68 -35.28 4.15
N ASN A 252 -4.32 -34.23 3.59
CA ASN A 252 -5.73 -34.27 3.30
C ASN A 252 -6.12 -34.29 1.85
N ASP A 253 -5.15 -34.61 1.01
CA ASP A 253 -5.36 -34.74 -0.45
C ASP A 253 -6.00 -33.51 -1.11
N LYS A 254 -5.58 -32.32 -0.70
CA LYS A 254 -6.02 -31.11 -1.35
C LYS A 254 -4.99 -30.68 -2.36
N ILE A 255 -5.47 -30.35 -3.55
CA ILE A 255 -4.56 -29.85 -4.57
C ILE A 255 -4.55 -28.32 -4.73
N TYR A 256 -5.49 -27.63 -4.10
CA TYR A 256 -5.60 -26.18 -4.30
C TYR A 256 -6.30 -25.56 -3.10
N GLY A 257 -5.79 -24.42 -2.67
CA GLY A 257 -6.38 -23.62 -1.57
C GLY A 257 -6.63 -22.21 -2.02
N PHE A 258 -7.79 -21.69 -1.62
CA PHE A 258 -8.19 -20.32 -1.99
C PHE A 258 -8.86 -19.66 -0.79
N VAL A 259 -8.94 -18.34 -0.82
CA VAL A 259 -9.70 -17.60 0.21
C VAL A 259 -10.90 -16.77 -0.30
N LEU A 260 -10.81 -16.32 -1.55
CA LEU A 260 -11.79 -15.45 -2.17
C LEU A 260 -12.15 -15.99 -3.57
N ASN A 261 -13.37 -15.70 -3.99
CA ASN A 261 -14.04 -16.42 -5.10
C ASN A 261 -14.94 -15.39 -5.76
N LEU A 262 -14.60 -14.93 -6.98
CA LEU A 262 -15.15 -13.76 -7.55
C LEU A 262 -15.65 -13.98 -8.98
N TYR A 263 -16.49 -13.07 -9.42
CA TYR A 263 -16.87 -12.93 -10.82
C TYR A 263 -15.75 -12.12 -11.51
N ASP A 264 -15.53 -12.38 -12.78
CA ASP A 264 -14.59 -11.64 -13.57
C ASP A 264 -15.31 -10.62 -14.53
N SER A 265 -14.51 -9.76 -15.14
CA SER A 265 -14.93 -8.79 -16.15
C SER A 265 -15.06 -9.55 -17.48
N PRO A 266 -16.29 -9.77 -17.93
CA PRO A 266 -16.48 -10.71 -19.02
C PRO A 266 -15.82 -10.26 -20.31
N GLN A 267 -15.63 -8.97 -20.50
CA GLN A 267 -14.96 -8.46 -21.73
C GLN A 267 -13.49 -8.72 -21.83
N THR A 268 -12.86 -9.18 -20.73
CA THR A 268 -11.51 -9.67 -20.82
C THR A 268 -11.36 -11.10 -21.34
N ILE A 269 -12.45 -11.84 -21.40
CA ILE A 269 -12.46 -13.25 -21.66
C ILE A 269 -13.58 -13.66 -22.62
N GLU A 270 -13.77 -12.85 -23.65
CA GLU A 270 -14.89 -13.12 -24.55
C GLU A 270 -14.99 -14.55 -25.08
N THR A 271 -13.88 -15.16 -25.50
CA THR A 271 -13.86 -16.52 -26.03
C THR A 271 -13.11 -17.56 -25.21
N LEU A 272 -12.84 -17.27 -23.93
CA LEU A 272 -12.11 -18.25 -23.15
C LEU A 272 -13.00 -19.48 -22.94
N TRP A 273 -14.24 -19.26 -22.58
CA TRP A 273 -15.15 -20.36 -22.35
C TRP A 273 -15.41 -21.23 -23.58
N THR A 274 -15.76 -20.57 -24.67
CA THR A 274 -16.10 -21.31 -25.90
C THR A 274 -14.87 -22.06 -26.39
N SER A 275 -13.66 -21.46 -26.31
CA SER A 275 -12.46 -22.22 -26.67
C SER A 275 -12.19 -23.38 -25.69
N THR A 276 -12.52 -23.16 -24.42
CA THR A 276 -12.33 -24.22 -23.47
C THR A 276 -13.28 -25.35 -23.78
N MET A 277 -14.52 -25.03 -24.17
CA MET A 277 -15.48 -26.13 -24.48
C MET A 277 -15.03 -26.92 -25.74
N ASP A 278 -14.38 -26.25 -26.70
CA ASP A 278 -13.83 -26.95 -27.88
C ASP A 278 -12.74 -27.87 -27.40
N PHE A 279 -11.88 -27.41 -26.48
CA PHE A 279 -10.82 -28.26 -26.00
C PHE A 279 -11.43 -29.44 -25.33
N VAL A 280 -12.41 -29.22 -24.43
CA VAL A 280 -13.07 -30.32 -23.74
C VAL A 280 -13.76 -31.37 -24.68
N GLU A 281 -14.47 -30.89 -25.68
CA GLU A 281 -15.08 -31.77 -26.72
C GLU A 281 -14.03 -32.65 -27.40
N GLU A 282 -12.85 -32.13 -27.69
CA GLU A 282 -11.76 -32.93 -28.17
C GLU A 282 -11.11 -33.88 -27.14
N HIS A 283 -11.21 -33.61 -25.85
CA HIS A 283 -10.52 -34.43 -24.87
C HIS A 283 -11.38 -34.75 -23.67
N PRO A 284 -12.43 -35.52 -23.88
CA PRO A 284 -13.46 -35.59 -22.82
C PRO A 284 -12.95 -36.42 -21.71
N ASN A 285 -11.94 -37.21 -22.03
CA ASN A 285 -11.32 -38.05 -21.04
C ASN A 285 -10.61 -37.21 -19.94
N TYR A 286 -10.37 -35.92 -20.17
CA TYR A 286 -9.71 -35.06 -19.14
C TYR A 286 -10.68 -34.58 -18.06
N LEU A 287 -11.99 -34.63 -18.36
CA LEU A 287 -13.05 -34.25 -17.43
C LEU A 287 -13.02 -35.10 -16.22
N ASN A 288 -13.09 -34.48 -15.06
CA ASN A 288 -13.35 -35.20 -13.81
C ASN A 288 -14.82 -35.27 -13.56
N VAL A 289 -15.35 -36.47 -13.24
CA VAL A 289 -16.81 -36.63 -13.06
C VAL A 289 -17.35 -35.85 -11.83
N ASN A 290 -16.49 -35.51 -10.88
CA ASN A 290 -16.88 -34.66 -9.75
C ASN A 290 -16.28 -33.23 -9.89
N GLY A 291 -16.17 -32.73 -11.11
CA GLY A 291 -15.78 -31.36 -11.36
C GLY A 291 -16.77 -30.36 -10.82
N ALA A 292 -16.28 -29.13 -10.62
CA ALA A 292 -17.13 -28.04 -10.08
C ALA A 292 -18.02 -27.44 -11.18
N PHE A 293 -18.90 -28.26 -11.78
CA PHE A 293 -19.59 -27.77 -12.97
C PHE A 293 -20.64 -26.75 -12.69
N ALA A 294 -21.37 -26.90 -11.62
CA ALA A 294 -22.43 -25.92 -11.30
C ALA A 294 -21.89 -24.50 -11.05
N TRP A 295 -20.76 -24.44 -10.36
CA TRP A 295 -20.05 -23.15 -10.17
C TRP A 295 -19.73 -22.45 -11.47
N LEU A 296 -19.31 -23.21 -12.51
CA LEU A 296 -19.02 -22.63 -13.82
C LEU A 296 -20.30 -22.18 -14.57
N LYS A 297 -21.44 -22.75 -14.23
CA LYS A 297 -22.66 -22.58 -14.99
C LYS A 297 -23.73 -21.71 -14.30
N ASP A 298 -23.39 -21.11 -13.17
CA ASP A 298 -24.40 -20.38 -12.38
C ASP A 298 -24.64 -19.04 -13.04
N ASN A 299 -25.84 -18.94 -13.65
CA ASN A 299 -26.26 -17.75 -14.37
C ASN A 299 -27.15 -16.81 -13.53
N SER A 300 -27.45 -17.21 -12.29
CA SER A 300 -28.52 -16.56 -11.54
C SER A 300 -28.18 -15.23 -10.90
N GLN A 301 -26.91 -14.96 -10.58
CA GLN A 301 -26.56 -13.67 -9.94
C GLN A 301 -26.18 -12.64 -10.94
N ASN A 302 -25.34 -13.01 -11.89
CA ASN A 302 -24.89 -12.10 -12.94
C ASN A 302 -25.20 -12.73 -14.36
N PRO A 303 -26.49 -12.81 -14.74
CA PRO A 303 -26.87 -13.43 -16.00
C PRO A 303 -26.21 -12.80 -17.20
N LYS A 304 -25.90 -11.51 -17.16
CA LYS A 304 -25.24 -10.90 -18.30
C LYS A 304 -23.82 -11.34 -18.51
N ASN A 305 -23.12 -11.74 -17.42
CA ASN A 305 -21.80 -12.34 -17.57
C ASN A 305 -21.88 -13.64 -18.35
N TYR A 306 -22.83 -14.44 -17.93
CA TYR A 306 -23.05 -15.74 -18.49
C TYR A 306 -23.47 -15.60 -19.98
N ASP A 307 -24.27 -14.59 -20.26
CA ASP A 307 -24.73 -14.34 -21.64
C ASP A 307 -23.57 -13.94 -22.53
N TYR A 308 -22.76 -13.02 -22.03
CA TYR A 308 -21.67 -12.53 -22.79
C TYR A 308 -20.62 -13.60 -23.14
N THR A 309 -20.31 -14.50 -22.24
CA THR A 309 -19.30 -15.49 -22.51
C THR A 309 -19.91 -16.75 -23.19
N GLN A 310 -21.22 -16.72 -23.38
CA GLN A 310 -21.93 -17.87 -23.94
C GLN A 310 -21.77 -19.14 -23.11
N GLY A 311 -21.91 -19.00 -21.81
CA GLY A 311 -22.01 -20.15 -20.97
C GLY A 311 -21.17 -20.24 -19.71
N TYR A 312 -20.40 -19.21 -19.42
CA TYR A 312 -19.54 -19.22 -18.21
C TYR A 312 -20.01 -18.16 -17.22
N SER A 313 -20.24 -18.57 -15.97
CA SER A 313 -20.57 -17.63 -14.89
C SER A 313 -19.55 -16.52 -14.69
N THR A 314 -18.31 -16.82 -15.03
CA THR A 314 -17.04 -16.05 -14.87
C THR A 314 -16.52 -16.19 -13.43
N CYS A 315 -17.14 -17.03 -12.64
CA CYS A 315 -16.60 -17.27 -11.29
C CYS A 315 -15.21 -17.83 -11.38
N HIS A 316 -14.33 -17.36 -10.46
CA HIS A 316 -12.96 -17.88 -10.40
C HIS A 316 -12.38 -17.74 -8.98
N PHE A 317 -11.42 -18.56 -8.66
CA PHE A 317 -10.62 -18.34 -7.43
C PHE A 317 -9.77 -17.12 -7.68
N TRP A 318 -9.66 -16.25 -6.69
CA TRP A 318 -8.94 -15.00 -6.86
C TRP A 318 -7.48 -15.22 -6.52
N THR A 319 -6.72 -15.51 -7.57
CA THR A 319 -5.38 -16.10 -7.50
C THR A 319 -4.24 -15.23 -6.94
N ASN A 320 -4.47 -13.98 -6.59
CA ASN A 320 -3.43 -13.27 -5.92
C ASN A 320 -2.96 -13.95 -4.64
N PHE A 321 -3.85 -14.68 -3.98
CA PHE A 321 -3.51 -15.75 -2.99
C PHE A 321 -3.89 -17.11 -3.60
N GLU A 322 -2.96 -18.06 -3.59
CA GLU A 322 -3.33 -19.41 -3.90
C GLU A 322 -2.29 -20.37 -3.29
N ILE A 323 -2.76 -21.49 -2.79
CA ILE A 323 -1.90 -22.60 -2.37
C ILE A 323 -2.10 -23.67 -3.42
N VAL A 324 -1.04 -24.09 -4.08
CA VAL A 324 -1.21 -24.98 -5.20
CA VAL A 324 -1.11 -24.90 -5.27
C VAL A 324 -0.26 -26.17 -5.17
N ASP A 325 -0.84 -27.31 -5.47
CA ASP A 325 -0.08 -28.59 -5.66
C ASP A 325 0.35 -28.55 -7.13
N LEU A 326 1.63 -28.29 -7.31
CA LEU A 326 2.17 -28.20 -8.70
C LEU A 326 2.06 -29.48 -9.53
N ASP A 327 1.87 -30.62 -8.90
CA ASP A 327 1.61 -31.89 -9.66
C ASP A 327 0.40 -31.76 -10.50
N PHE A 328 -0.60 -30.97 -10.08
CA PHE A 328 -1.76 -30.78 -10.91
C PHE A 328 -1.40 -29.96 -12.15
N LEU A 329 -0.62 -28.92 -11.99
CA LEU A 329 -0.31 -28.04 -13.11
C LEU A 329 0.64 -28.73 -14.11
N ARG A 330 1.47 -29.58 -13.59
CA ARG A 330 2.41 -30.34 -14.40
C ARG A 330 1.78 -31.61 -15.04
N SER A 331 0.52 -31.95 -14.72
CA SER A 331 -0.21 -33.09 -15.23
C SER A 331 -0.64 -32.86 -16.65
N GLU A 332 -0.94 -33.95 -17.36
CA GLU A 332 -1.32 -33.82 -18.76
C GLU A 332 -2.56 -32.95 -19.07
N PRO A 333 -3.69 -33.11 -18.39
CA PRO A 333 -4.79 -32.25 -18.73
C PRO A 333 -4.49 -30.69 -18.65
N TYR A 334 -3.83 -30.27 -17.55
CA TYR A 334 -3.48 -28.86 -17.41
C TYR A 334 -2.53 -28.45 -18.52
N GLU A 335 -1.44 -29.21 -18.72
CA GLU A 335 -0.42 -28.85 -19.69
C GLU A 335 -0.98 -28.80 -21.11
N LYS A 336 -1.87 -29.75 -21.46
CA LYS A 336 -2.48 -29.74 -22.78
C LYS A 336 -3.48 -28.58 -22.97
N TYR A 337 -4.20 -28.27 -21.90
CA TYR A 337 -5.07 -27.14 -21.94
C TYR A 337 -4.29 -25.86 -22.12
N MET A 338 -3.19 -25.73 -21.40
CA MET A 338 -2.33 -24.52 -21.60
C MET A 338 -1.82 -24.36 -23.06
N GLN A 339 -1.33 -25.45 -23.64
CA GLN A 339 -0.91 -25.42 -25.04
C GLN A 339 -2.04 -25.01 -25.97
N TYR A 340 -3.22 -25.51 -25.71
CA TYR A 340 -4.40 -25.16 -26.49
C TYR A 340 -4.64 -23.65 -26.41
N LEU A 341 -4.63 -23.12 -25.18
CA LEU A 341 -4.86 -21.67 -25.01
C LEU A 341 -3.74 -20.84 -25.63
N GLU A 342 -2.50 -21.33 -25.56
CA GLU A 342 -1.36 -20.64 -26.20
C GLU A 342 -1.66 -20.52 -27.69
N GLU A 343 -2.13 -21.61 -28.29
CA GLU A 343 -2.41 -21.62 -29.77
C GLU A 343 -3.51 -20.66 -30.14
N LYS A 344 -4.50 -20.50 -29.31
CA LYS A 344 -5.57 -19.54 -29.61
C LYS A 344 -5.13 -18.11 -29.57
N GLY A 345 -4.12 -17.79 -28.76
CA GLY A 345 -3.60 -16.44 -28.62
C GLY A 345 -4.37 -15.49 -27.72
N GLY A 346 -5.38 -15.99 -27.02
CA GLY A 346 -6.22 -15.10 -26.21
C GLY A 346 -5.57 -14.41 -25.01
N PHE A 347 -4.36 -14.84 -24.60
CA PHE A 347 -3.60 -14.05 -23.65
C PHE A 347 -3.25 -12.72 -24.20
N TYR A 348 -3.23 -12.58 -25.54
CA TYR A 348 -2.85 -11.32 -26.21
C TYR A 348 -3.95 -10.65 -27.00
N TYR A 349 -4.71 -11.42 -27.76
CA TYR A 349 -5.84 -10.91 -28.53
C TYR A 349 -7.04 -10.53 -27.65
N GLU A 350 -7.12 -11.16 -26.48
CA GLU A 350 -8.08 -10.79 -25.44
C GLU A 350 -7.23 -10.47 -24.19
N ARG A 351 -7.80 -10.47 -22.98
CA ARG A 351 -7.00 -10.15 -21.82
C ARG A 351 -7.19 -11.28 -20.77
N TRP A 352 -6.93 -12.49 -21.19
CA TRP A 352 -7.28 -13.61 -20.32
C TRP A 352 -6.38 -13.58 -19.07
N GLY A 353 -6.99 -13.52 -17.88
CA GLY A 353 -6.27 -13.61 -16.62
C GLY A 353 -5.81 -15.02 -16.26
N ASP A 354 -4.77 -15.09 -15.48
CA ASP A 354 -4.41 -16.40 -14.90
C ASP A 354 -5.53 -16.98 -14.00
N ALA A 355 -6.30 -16.12 -13.38
CA ALA A 355 -7.32 -16.60 -12.45
C ALA A 355 -8.44 -17.41 -13.12
N PRO A 356 -9.07 -16.87 -14.18
CA PRO A 356 -10.10 -17.73 -14.83
C PRO A 356 -9.54 -18.97 -15.51
N VAL A 357 -8.34 -18.87 -16.05
CA VAL A 357 -7.64 -20.02 -16.69
C VAL A 357 -7.34 -21.13 -15.70
N ARG A 358 -6.73 -20.77 -14.58
CA ARG A 358 -6.49 -21.74 -13.52
C ARG A 358 -7.79 -22.34 -13.01
N SER A 359 -8.79 -21.47 -12.82
CA SER A 359 -10.05 -21.90 -12.29
C SER A 359 -10.85 -22.84 -13.20
N LEU A 360 -10.85 -22.57 -14.53
CA LEU A 360 -11.51 -23.48 -15.43
C LEU A 360 -10.84 -24.84 -15.38
N ALA A 361 -9.52 -24.88 -15.35
CA ALA A 361 -8.79 -26.13 -15.32
C ALA A 361 -9.12 -26.93 -14.07
N LEU A 362 -9.10 -26.26 -12.93
CA LEU A 362 -9.40 -26.90 -11.66
C LEU A 362 -10.83 -27.38 -11.64
N ALA A 363 -11.75 -26.60 -12.15
CA ALA A 363 -13.19 -26.99 -12.11
C ALA A 363 -13.51 -28.17 -13.06
N LEU A 364 -12.85 -28.21 -14.18
CA LEU A 364 -13.10 -29.24 -15.18
C LEU A 364 -12.36 -30.51 -14.99
N PHE A 365 -11.10 -30.43 -14.52
CA PHE A 365 -10.16 -31.51 -14.65
C PHE A 365 -9.81 -32.06 -13.32
N ALA A 366 -10.48 -31.64 -12.25
CA ALA A 366 -10.20 -32.20 -10.95
C ALA A 366 -11.45 -32.35 -10.20
N ASP A 367 -11.35 -33.15 -9.15
CA ASP A 367 -12.43 -33.37 -8.25
C ASP A 367 -12.64 -32.17 -7.31
N LYS A 368 -13.85 -31.65 -7.24
CA LYS A 368 -14.06 -30.38 -6.51
C LYS A 368 -13.84 -30.55 -4.96
N SER A 369 -13.90 -31.78 -4.47
CA SER A 369 -13.60 -32.05 -3.08
C SER A 369 -12.09 -32.01 -2.77
N SER A 370 -11.25 -31.86 -3.78
CA SER A 370 -9.84 -31.68 -3.56
C SER A 370 -9.42 -30.19 -3.52
N ILE A 371 -10.40 -29.30 -3.61
CA ILE A 371 -10.17 -27.87 -3.62
C ILE A 371 -10.68 -27.29 -2.30
N HIS A 372 -9.81 -26.63 -1.57
CA HIS A 372 -10.07 -26.26 -0.20
C HIS A 372 -10.24 -24.73 -0.02
N TRP A 373 -11.32 -24.32 0.68
CA TRP A 373 -11.55 -22.95 1.02
C TRP A 373 -10.93 -22.72 2.42
N PHE A 374 -9.82 -21.97 2.46
CA PHE A 374 -9.14 -21.62 3.71
C PHE A 374 -9.88 -20.51 4.43
N ARG A 375 -11.03 -20.86 4.99
CA ARG A 375 -11.84 -19.92 5.76
C ARG A 375 -11.05 -19.20 6.86
N ASP A 376 -10.11 -19.92 7.47
CA ASP A 376 -9.34 -19.42 8.60
C ASP A 376 -8.24 -18.41 8.26
N ILE A 377 -7.89 -18.30 6.98
CA ILE A 377 -6.84 -17.39 6.56
C ILE A 377 -7.47 -16.07 6.29
N GLY A 378 -7.43 -15.21 7.30
CA GLY A 378 -7.86 -13.87 7.18
C GLY A 378 -6.94 -13.18 6.20
N TYR A 379 -7.49 -12.52 5.17
CA TYR A 379 -6.67 -12.03 4.09
C TYR A 379 -7.29 -10.88 3.32
N HIS A 380 -6.46 -9.93 2.92
CA HIS A 380 -6.97 -8.84 2.09
C HIS A 380 -6.02 -8.46 0.97
N HIS A 381 -6.60 -8.22 -0.19
CA HIS A 381 -5.97 -7.62 -1.33
C HIS A 381 -7.03 -6.68 -1.83
N THR A 382 -6.67 -5.41 -2.11
CA THR A 382 -7.69 -4.48 -2.53
C THR A 382 -8.51 -5.01 -3.69
N PRO A 383 -9.87 -4.94 -3.66
CA PRO A 383 -10.76 -4.32 -2.67
C PRO A 383 -11.50 -5.32 -1.76
N TYR A 384 -11.02 -6.55 -1.63
CA TYR A 384 -11.80 -7.58 -0.96
C TYR A 384 -11.06 -8.21 0.19
N THR A 385 -11.84 -8.67 1.18
CA THR A 385 -11.29 -9.24 2.39
C THR A 385 -12.09 -10.51 2.81
N ASN A 386 -11.35 -11.56 3.15
CA ASN A 386 -11.85 -12.71 3.86
C ASN A 386 -11.49 -12.53 5.33
N CYS A 387 -12.50 -12.25 6.18
CA CYS A 387 -12.29 -11.94 7.59
C CYS A 387 -13.17 -12.86 8.44
N PRO A 388 -12.61 -13.97 8.90
CA PRO A 388 -13.52 -14.87 9.61
C PRO A 388 -13.86 -14.43 11.03
N THR A 389 -14.76 -15.16 11.62
CA THR A 389 -15.17 -14.90 13.03
C THR A 389 -14.47 -15.92 13.95
N CYS A 390 -13.95 -15.43 15.07
CA CYS A 390 -13.28 -16.24 16.11
C CYS A 390 -14.23 -16.54 17.30
N PRO A 391 -13.98 -17.61 18.05
CA PRO A 391 -14.75 -17.78 19.31
C PRO A 391 -14.56 -16.56 20.19
N ALA A 392 -15.50 -16.29 21.08
CA ALA A 392 -15.41 -15.14 21.97
C ALA A 392 -14.10 -15.26 22.80
N ASP A 393 -13.41 -14.22 23.03
CA ASP A 393 -12.08 -14.49 23.77
C ASP A 393 -11.02 -15.49 23.15
N SER A 394 -11.05 -15.62 21.83
CA SER A 394 -9.88 -16.12 21.12
C SER A 394 -9.15 -14.88 20.71
N ASP A 395 -7.84 -14.95 20.68
CA ASP A 395 -7.02 -13.85 20.14
C ASP A 395 -6.33 -14.27 18.81
N ARG A 396 -6.89 -15.26 18.13
CA ARG A 396 -6.26 -15.72 16.86
C ARG A 396 -6.16 -14.61 15.82
N CYS A 397 -7.19 -13.78 15.72
CA CYS A 397 -7.14 -12.74 14.72
C CYS A 397 -6.74 -11.45 15.38
N ASN A 398 -6.07 -10.60 14.63
CA ASN A 398 -5.45 -9.43 15.20
C ASN A 398 -6.33 -8.21 15.22
N GLY A 399 -7.60 -8.33 14.79
CA GLY A 399 -8.53 -7.20 14.94
C GLY A 399 -8.45 -6.16 13.85
N ASN A 400 -7.58 -6.33 12.86
CA ASN A 400 -7.50 -5.31 11.80
C ASN A 400 -8.50 -5.51 10.64
N CYS A 401 -9.29 -6.56 10.68
CA CYS A 401 -10.38 -6.68 9.74
C CYS A 401 -11.70 -6.87 10.49
N VAL A 402 -12.76 -6.40 9.88
CA VAL A 402 -14.10 -6.53 10.38
C VAL A 402 -14.73 -7.86 9.92
N PRO A 403 -15.08 -8.74 10.87
CA PRO A 403 -15.58 -10.02 10.48
C PRO A 403 -16.72 -9.97 9.51
N GLY A 404 -16.62 -10.78 8.46
CA GLY A 404 -17.66 -10.94 7.47
C GLY A 404 -17.72 -9.83 6.43
N LYS A 405 -16.92 -8.78 6.58
CA LYS A 405 -17.08 -7.66 5.67
C LYS A 405 -16.20 -7.89 4.45
N PHE A 406 -16.84 -8.28 3.33
CA PHE A 406 -16.21 -8.67 2.08
C PHE A 406 -15.57 -7.49 1.39
N THR A 407 -16.27 -6.36 1.45
CA THR A 407 -15.77 -5.10 0.84
C THR A 407 -16.45 -3.89 1.50
N PRO A 408 -15.76 -2.75 1.60
CA PRO A 408 -16.46 -1.59 2.10
C PRO A 408 -17.45 -0.95 1.12
N TRP A 409 -17.38 -1.33 -0.14
CA TRP A 409 -18.19 -0.75 -1.24
C TRP A 409 -19.29 -1.71 -1.69
N SER A 410 -20.50 -1.48 -1.21
CA SER A 410 -21.57 -2.47 -1.32
C SER A 410 -21.93 -2.70 -2.83
N ASP A 411 -21.68 -1.74 -3.70
CA ASP A 411 -21.83 -1.97 -5.14
C ASP A 411 -21.05 -3.18 -5.67
N LEU A 412 -19.94 -3.52 -5.03
CA LEU A 412 -19.17 -4.67 -5.47
C LEU A 412 -19.65 -5.99 -4.86
N ASP A 413 -20.67 -5.99 -4.01
CA ASP A 413 -21.13 -7.24 -3.40
C ASP A 413 -21.53 -8.25 -4.43
N ASN A 414 -22.03 -7.79 -5.59
CA ASN A 414 -22.39 -8.73 -6.66
C ASN A 414 -21.22 -9.37 -7.45
N GLN A 415 -19.99 -8.97 -7.12
CA GLN A 415 -18.80 -9.62 -7.59
C GLN A 415 -18.36 -10.83 -6.73
N ASN A 416 -19.04 -11.09 -5.62
CA ASN A 416 -18.74 -12.24 -4.79
C ASN A 416 -19.43 -13.48 -5.36
N CYS A 417 -18.65 -14.52 -5.61
CA CYS A 417 -19.18 -15.81 -6.10
C CYS A 417 -19.11 -16.88 -4.99
N GLN A 418 -18.71 -16.50 -3.79
CA GLN A 418 -18.49 -17.50 -2.73
C GLN A 418 -19.81 -18.30 -2.37
N ALA A 419 -20.99 -17.64 -2.42
CA ALA A 419 -22.26 -18.34 -2.14
C ALA A 419 -22.51 -19.46 -3.11
N THR A 420 -22.16 -19.26 -4.39
CA THR A 420 -22.31 -20.35 -5.38
C THR A 420 -21.42 -21.52 -5.05
N TRP A 421 -20.20 -21.23 -4.58
CA TRP A 421 -19.29 -22.32 -4.17
C TRP A 421 -19.82 -23.08 -2.97
N ILE A 422 -20.30 -22.36 -2.00
CA ILE A 422 -20.85 -23.00 -0.78
C ILE A 422 -22.06 -23.87 -1.18
N ARG A 423 -22.92 -23.29 -2.00
CA ARG A 423 -24.19 -23.96 -2.34
C ARG A 423 -24.00 -25.20 -3.18
N HIS A 424 -23.06 -25.17 -4.11
CA HIS A 424 -22.96 -26.22 -5.11
C HIS A 424 -21.70 -27.04 -5.13
N SER A 425 -20.61 -26.55 -4.54
CA SER A 425 -19.37 -27.24 -4.65
C SER A 425 -18.96 -27.91 -3.38
N MET A 426 -19.54 -27.53 -2.26
CA MET A 426 -19.07 -28.09 -0.99
C MET A 426 -20.04 -29.21 -0.50
N SER A 427 -19.50 -30.36 -0.19
CA SER A 427 -20.34 -31.41 0.40
C SER A 427 -20.34 -31.28 1.87
N GLU A 428 -21.09 -32.16 2.49
CA GLU A 428 -21.16 -32.25 3.93
C GLU A 428 -19.80 -32.19 4.59
N GLU A 429 -18.89 -32.97 4.10
CA GLU A 429 -17.58 -33.04 4.66
C GLU A 429 -16.84 -31.66 4.60
N GLU A 430 -17.06 -30.91 3.55
CA GLU A 430 -16.36 -29.62 3.43
C GLU A 430 -17.10 -28.63 4.28
N LEU A 431 -18.43 -28.71 4.30
CA LEU A 431 -19.22 -27.75 5.06
C LEU A 431 -18.92 -27.84 6.53
N GLU A 432 -18.50 -29.00 7.01
CA GLU A 432 -18.13 -29.21 8.41
C GLU A 432 -16.61 -29.25 8.73
N MET A 433 -15.82 -28.79 7.77
CA MET A 433 -14.39 -28.80 7.87
C MET A 433 -13.92 -27.72 8.86
N TYR A 434 -14.72 -26.69 9.10
CA TYR A 434 -14.37 -25.63 10.10
C TYR A 434 -15.50 -25.45 11.15
N HIS B 41 14.62 44.85 15.42
CA HIS B 41 16.04 44.28 15.30
C HIS B 41 17.22 45.31 15.29
N ASP B 42 18.12 45.18 16.27
CA ASP B 42 19.45 45.79 16.17
C ASP B 42 19.93 45.67 14.69
N ALA B 43 20.39 46.77 14.11
CA ALA B 43 20.81 46.80 12.70
C ALA B 43 22.06 45.91 12.42
N GLU B 44 22.89 45.69 13.42
CA GLU B 44 24.03 44.79 13.28
C GLU B 44 23.57 43.32 13.17
N VAL B 45 22.63 42.99 14.00
CA VAL B 45 22.04 41.64 14.07
C VAL B 45 21.38 41.32 12.75
N LEU B 46 20.54 42.24 12.28
CA LEU B 46 19.87 42.07 11.02
C LEU B 46 20.79 42.01 9.87
N ASP B 47 21.77 42.89 9.79
CA ASP B 47 22.76 42.80 8.70
C ASP B 47 23.44 41.44 8.74
N SER B 48 23.79 40.98 9.91
CA SER B 48 24.46 39.69 9.97
C SER B 48 23.52 38.54 9.42
N ILE B 49 22.22 38.59 9.74
CA ILE B 49 21.28 37.59 9.22
C ILE B 49 21.17 37.69 7.72
N MET B 50 21.03 38.93 7.22
CA MET B 50 20.99 39.15 5.78
C MET B 50 22.24 38.72 5.03
N ASP B 51 23.40 38.89 5.63
CA ASP B 51 24.62 38.43 5.00
C ASP B 51 24.56 36.91 4.89
N ARG B 52 24.18 36.23 5.97
CA ARG B 52 24.14 34.76 5.90
C ARG B 52 23.12 34.29 4.85
N LEU B 53 22.01 35.01 4.71
CA LEU B 53 20.95 34.57 3.76
C LEU B 53 21.35 34.78 2.31
N HIS B 54 22.46 35.50 2.10
CA HIS B 54 22.95 35.87 0.78
C HIS B 54 24.30 35.30 0.39
N GLU B 55 24.81 34.37 1.16
CA GLU B 55 25.98 33.68 0.77
C GLU B 55 25.86 32.15 1.07
N PRO B 56 26.62 31.32 0.34
CA PRO B 56 26.60 29.88 0.59
C PRO B 56 27.21 29.58 1.92
N LEU B 57 26.73 28.53 2.55
CA LEU B 57 27.27 28.20 3.84
C LEU B 57 28.76 27.79 3.73
N TYR B 58 29.14 27.16 2.62
CA TYR B 58 30.50 26.71 2.35
C TYR B 58 31.00 27.38 1.06
N GLU B 59 32.19 27.95 1.09
CA GLU B 59 32.77 28.56 -0.12
C GLU B 59 33.03 27.57 -1.16
N LYS B 60 32.84 28.01 -2.39
CA LYS B 60 33.06 27.19 -3.57
C LYS B 60 34.41 26.49 -3.53
N ASP B 61 34.42 25.24 -3.93
CA ASP B 61 35.68 24.48 -4.01
C ASP B 61 36.44 24.20 -2.73
N THR B 62 35.81 24.32 -1.58
CA THR B 62 36.51 23.97 -0.35
C THR B 62 35.94 22.68 0.20
N PHE B 63 35.21 21.93 -0.64
CA PHE B 63 34.50 20.71 -0.20
C PHE B 63 34.32 19.82 -1.41
N ASP B 64 34.27 18.51 -1.19
CA ASP B 64 33.89 17.53 -2.21
C ASP B 64 32.54 16.89 -1.75
N PRO B 65 31.46 17.07 -2.55
CA PRO B 65 30.13 16.51 -2.23
C PRO B 65 30.12 15.03 -1.92
N ASN B 66 31.02 14.24 -2.45
CA ASN B 66 31.08 12.84 -2.10
C ASN B 66 31.61 12.60 -0.75
N GLU B 67 32.63 13.35 -0.36
CA GLU B 67 33.13 13.23 0.99
C GLU B 67 32.10 13.80 1.98
N VAL B 68 31.49 14.89 1.62
CA VAL B 68 30.41 15.49 2.45
C VAL B 68 29.30 14.43 2.68
N LEU B 69 28.87 13.78 1.61
CA LEU B 69 27.83 12.80 1.73
C LEU B 69 28.29 11.73 2.71
N ALA B 70 29.54 11.24 2.58
CA ALA B 70 29.98 10.14 3.45
C ALA B 70 29.97 10.57 4.91
N GLU B 71 30.45 11.78 5.17
CA GLU B 71 30.53 12.27 6.56
C GLU B 71 29.10 12.49 7.14
N ASN B 72 28.18 12.97 6.29
CA ASN B 72 26.76 13.22 6.67
C ASN B 72 26.09 11.87 7.00
N LYS B 73 26.35 10.82 6.21
CA LYS B 73 25.79 9.50 6.53
C LYS B 73 26.31 8.97 7.82
N GLN B 74 27.58 9.21 8.10
CA GLN B 74 28.13 8.74 9.34
C GLN B 74 27.51 9.47 10.51
N LEU B 75 27.35 10.78 10.41
CA LEU B 75 26.69 11.56 11.49
C LEU B 75 25.23 11.10 11.72
N TYR B 76 24.51 10.91 10.63
CA TYR B 76 23.15 10.34 10.69
C TYR B 76 23.14 9.01 11.39
N GLU B 77 23.99 8.10 10.97
CA GLU B 77 24.08 6.81 11.56
C GLU B 77 24.40 6.83 13.06
N GLU B 78 25.28 7.72 13.46
CA GLU B 78 25.58 7.84 14.87
C GLU B 78 24.38 8.20 15.66
N PHE B 79 23.47 8.99 15.06
CA PHE B 79 22.25 9.25 15.80
C PHE B 79 21.27 8.10 15.76
N LEU B 80 21.04 7.56 14.58
CA LEU B 80 20.02 6.51 14.42
C LEU B 80 20.39 5.22 15.11
N LEU B 81 21.68 4.93 15.25
CA LEU B 81 22.14 3.77 16.02
C LEU B 81 22.32 4.00 17.46
N GLN B 82 22.04 5.20 17.95
CA GLN B 82 22.07 5.43 19.44
C GLN B 82 20.80 4.85 20.03
N GLU B 83 20.93 4.12 21.13
CA GLU B 83 19.77 3.60 21.84
C GLU B 83 18.97 4.76 22.46
N ILE B 84 17.72 4.89 22.10
CA ILE B 84 16.84 5.86 22.72
C ILE B 84 15.53 5.21 23.14
N SER B 85 14.77 5.96 23.91
CA SER B 85 13.43 5.53 24.28
C SER B 85 12.38 6.64 24.18
N GLU B 86 12.46 7.64 25.04
CA GLU B 86 11.51 8.71 25.11
C GLU B 86 12.21 10.01 25.38
N PRO B 87 11.53 11.16 25.19
CA PRO B 87 12.21 12.43 25.46
C PRO B 87 12.63 12.48 26.91
N LYS B 88 13.81 13.02 27.14
CA LYS B 88 14.38 13.10 28.51
C LYS B 88 13.97 14.40 29.16
N VAL B 89 12.70 14.49 29.52
CA VAL B 89 12.12 15.63 30.15
C VAL B 89 11.34 15.06 31.30
N ASP B 90 11.08 15.87 32.30
CA ASP B 90 10.42 15.29 33.49
C ASP B 90 8.88 15.50 33.47
N ASN B 91 8.34 16.08 32.43
CA ASN B 91 6.97 16.51 32.46
C ASN B 91 6.04 15.64 31.56
N LEU B 92 6.45 14.43 31.17
CA LEU B 92 5.65 13.63 30.21
C LEU B 92 4.29 13.26 30.76
N VAL B 93 3.25 13.32 29.93
CA VAL B 93 1.89 13.03 30.37
C VAL B 93 1.56 11.62 29.91
N ARG B 94 1.30 10.75 30.86
CA ARG B 94 1.04 9.33 30.58
C ARG B 94 -0.46 9.07 30.37
N SER B 95 -0.76 7.92 29.78
CA SER B 95 -2.11 7.50 29.47
C SER B 95 -2.87 7.54 30.78
N GLY B 96 -4.05 8.13 30.84
CA GLY B 96 -4.75 8.11 32.16
C GLY B 96 -4.28 9.10 33.22
N ASP B 97 -3.18 9.79 33.03
CA ASP B 97 -2.96 11.01 33.79
C ASP B 97 -4.08 12.02 33.52
N PRO B 98 -4.36 12.95 34.45
CA PRO B 98 -5.41 13.95 34.23
C PRO B 98 -5.28 14.78 32.95
N LEU B 99 -4.07 15.15 32.54
CA LEU B 99 -3.90 15.91 31.29
C LEU B 99 -3.96 15.06 30.02
N ALA B 100 -4.01 13.74 30.13
CA ALA B 100 -3.95 12.89 28.94
C ALA B 100 -5.16 13.12 28.10
N GLY B 101 -4.96 13.41 26.85
CA GLY B 101 -6.10 13.55 25.95
C GLY B 101 -6.66 14.93 25.95
N LYS B 102 -6.11 15.85 26.74
CA LYS B 102 -6.80 17.12 26.96
C LYS B 102 -6.26 18.23 26.15
N ALA B 103 -5.23 18.02 25.33
CA ALA B 103 -4.81 19.08 24.46
C ALA B 103 -5.85 19.34 23.44
N LYS B 104 -5.87 20.56 22.89
CA LYS B 104 -6.81 20.88 21.83
C LYS B 104 -6.21 20.47 20.45
N GLY B 105 -6.30 19.18 20.17
CA GLY B 105 -5.59 18.60 19.06
C GLY B 105 -6.43 17.58 18.34
N THR B 106 -6.11 17.36 17.07
CA THR B 106 -6.76 16.38 16.25
C THR B 106 -5.74 15.74 15.35
N ILE B 107 -6.02 14.49 15.00
CA ILE B 107 -5.37 13.83 13.89
C ILE B 107 -6.06 14.23 12.64
N LEU B 108 -5.33 14.77 11.66
CA LEU B 108 -5.90 15.32 10.48
C LEU B 108 -5.52 14.55 9.23
N SER B 109 -6.49 14.23 8.36
CA SER B 109 -6.17 13.66 7.08
C SER B 109 -7.01 14.35 5.99
N LEU B 110 -6.31 14.79 4.96
CA LEU B 110 -6.91 15.21 3.73
C LEU B 110 -6.84 14.03 2.84
N VAL B 111 -8.02 13.50 2.45
CA VAL B 111 -8.07 12.30 1.66
C VAL B 111 -9.28 12.28 0.72
N ARG B 112 -9.17 11.43 -0.30
CA ARG B 112 -10.22 11.22 -1.25
C ARG B 112 -11.04 10.02 -0.81
N ASN B 113 -12.28 9.93 -1.32
CA ASN B 113 -13.09 8.72 -1.08
C ASN B 113 -12.37 7.43 -1.44
N SER B 114 -11.63 7.52 -2.53
CA SER B 114 -10.90 6.40 -3.05
C SER B 114 -9.71 6.03 -2.16
N ASP B 115 -9.39 6.81 -1.11
CA ASP B 115 -8.20 6.49 -0.28
C ASP B 115 -8.63 5.69 0.90
N LEU B 116 -9.88 5.26 0.93
CA LEU B 116 -10.40 4.64 2.13
C LEU B 116 -9.54 3.48 2.71
N GLU B 117 -9.15 2.57 1.85
CA GLU B 117 -8.39 1.42 2.37
C GLU B 117 -7.01 1.77 2.90
N ASP B 118 -6.37 2.70 2.23
CA ASP B 118 -4.99 3.12 2.55
C ASP B 118 -4.97 4.00 3.76
N ILE B 119 -5.98 4.82 3.93
CA ILE B 119 -6.08 5.61 5.17
C ILE B 119 -6.45 4.78 6.32
N ILE B 120 -7.29 3.77 6.15
CA ILE B 120 -7.53 2.84 7.22
C ILE B 120 -6.24 2.18 7.77
N SER B 121 -5.42 1.77 6.85
CA SER B 121 -4.12 1.11 7.17
C SER B 121 -3.27 2.06 8.07
N SER B 122 -3.24 3.32 7.69
CA SER B 122 -2.52 4.34 8.47
C SER B 122 -3.13 4.54 9.82
N ILE B 123 -4.43 4.63 9.89
CA ILE B 123 -5.14 4.85 11.14
C ILE B 123 -4.91 3.70 12.10
N GLN B 124 -4.96 2.48 11.59
CA GLN B 124 -4.79 1.31 12.45
C GLN B 124 -3.39 1.27 13.09
N GLN B 125 -2.41 1.59 12.33
CA GLN B 125 -1.07 1.71 12.88
C GLN B 125 -0.88 2.85 13.86
N LEU B 126 -1.50 4.00 13.58
CA LEU B 126 -1.38 5.13 14.52
C LEU B 126 -2.12 4.78 15.80
N GLU B 127 -3.25 4.10 15.70
CA GLU B 127 -3.99 3.71 16.93
C GLU B 127 -3.13 2.72 17.77
N GLU B 128 -2.61 1.73 17.09
CA GLU B 128 -1.87 0.65 17.76
C GLU B 128 -0.60 1.21 18.43
N GLU B 129 0.11 2.13 17.79
CA GLU B 129 1.37 2.59 18.34
C GLU B 129 1.19 3.78 19.28
N TYR B 130 0.06 4.47 19.19
CA TYR B 130 -0.16 5.70 19.95
C TYR B 130 -1.58 5.97 20.44
N ASN B 131 -2.48 6.20 19.51
CA ASN B 131 -3.72 6.83 19.85
C ASN B 131 -4.73 6.01 20.64
N LYS B 132 -4.58 4.68 20.67
CA LYS B 132 -5.50 3.86 21.44
C LYS B 132 -5.35 4.19 22.91
N ASN B 133 -4.23 4.75 23.31
CA ASN B 133 -4.05 5.12 24.71
C ASN B 133 -4.31 6.56 25.07
N PHE B 134 -4.61 7.40 24.08
CA PHE B 134 -4.83 8.81 24.29
C PHE B 134 -6.15 9.34 23.74
N GLY B 135 -6.63 8.77 22.64
CA GLY B 135 -7.98 9.01 22.12
C GLY B 135 -8.25 10.34 21.52
N TYR B 136 -7.26 10.97 20.89
CA TYR B 136 -7.49 12.21 20.16
C TYR B 136 -8.43 11.92 19.01
N PRO B 137 -9.23 12.89 18.66
CA PRO B 137 -10.16 12.75 17.55
C PRO B 137 -9.54 12.86 16.18
N TYR B 138 -10.25 12.32 15.19
CA TYR B 138 -9.87 12.45 13.80
C TYR B 138 -10.71 13.43 13.07
N THR B 139 -10.05 14.22 12.25
CA THR B 139 -10.71 15.11 11.34
C THR B 139 -10.32 14.74 9.94
N PHE B 140 -11.33 14.53 9.07
CA PHE B 140 -11.07 14.24 7.69
C PHE B 140 -11.61 15.38 6.79
N LEU B 141 -10.83 15.77 5.82
CA LEU B 141 -11.21 16.80 4.86
C LEU B 141 -11.04 16.34 3.48
N ASN B 142 -11.93 16.83 2.58
CA ASN B 142 -11.89 16.45 1.18
C ASN B 142 -12.42 17.61 0.33
N ASP B 143 -11.96 17.71 -0.91
CA ASP B 143 -12.51 18.70 -1.84
C ASP B 143 -13.88 18.27 -2.40
N GLU B 144 -14.20 16.98 -2.32
CA GLU B 144 -15.54 16.43 -2.64
C GLU B 144 -16.15 16.02 -1.36
N GLU B 145 -17.46 15.75 -1.36
CA GLU B 145 -18.16 15.28 -0.18
C GLU B 145 -17.75 13.84 0.10
N PHE B 146 -17.51 13.52 1.34
CA PHE B 146 -17.29 12.11 1.72
C PHE B 146 -18.58 11.32 1.55
N THR B 147 -18.51 10.12 1.01
CA THR B 147 -19.70 9.27 0.98
C THR B 147 -20.01 8.67 2.34
N ASP B 148 -21.25 8.21 2.51
CA ASP B 148 -21.60 7.43 3.65
C ASP B 148 -20.78 6.14 3.81
N GLU B 149 -20.44 5.48 2.70
CA GLU B 149 -19.59 4.28 2.81
C GLU B 149 -18.14 4.57 3.29
N PHE B 150 -17.62 5.70 2.89
CA PHE B 150 -16.35 6.21 3.52
C PHE B 150 -16.47 6.36 5.01
N LYS B 151 -17.44 7.14 5.46
CA LYS B 151 -17.63 7.37 6.85
C LYS B 151 -17.85 6.12 7.62
N ASP B 152 -18.72 5.25 7.11
CA ASP B 152 -19.00 3.99 7.80
C ASP B 152 -17.73 3.11 7.87
N GLY B 153 -16.96 3.13 6.80
CA GLY B 153 -15.73 2.33 6.76
C GLY B 153 -14.76 2.79 7.86
N ILE B 154 -14.57 4.09 7.96
CA ILE B 154 -13.74 4.66 9.00
C ILE B 154 -14.24 4.29 10.37
N LYS B 155 -15.53 4.47 10.60
CA LYS B 155 -16.04 4.18 11.91
C LYS B 155 -15.92 2.70 12.26
N SER B 156 -16.08 1.83 11.27
CA SER B 156 -16.05 0.39 11.58
C SER B 156 -14.69 -0.05 12.14
N ILE B 157 -13.61 0.73 11.87
CA ILE B 157 -12.28 0.27 12.28
C ILE B 157 -11.73 0.98 13.50
N LEU B 158 -12.52 1.86 14.11
CA LEU B 158 -12.14 2.61 15.28
C LEU B 158 -12.99 2.24 16.45
N PRO B 159 -12.51 2.45 17.67
CA PRO B 159 -13.40 2.21 18.79
C PRO B 159 -14.63 3.08 18.74
N LYS B 160 -15.69 2.58 19.36
CA LYS B 160 -16.98 3.29 19.32
C LYS B 160 -16.90 4.69 19.94
N ASP B 161 -16.07 4.87 20.93
CA ASP B 161 -15.97 6.22 21.56
C ASP B 161 -15.04 7.23 20.82
N ARG B 162 -14.35 6.82 19.76
CA ARG B 162 -13.45 7.72 19.10
C ARG B 162 -14.28 8.72 18.31
N VAL B 163 -13.98 9.98 18.51
CA VAL B 163 -14.65 11.07 17.73
C VAL B 163 -14.04 11.23 16.36
N VAL B 164 -14.89 11.19 15.31
CA VAL B 164 -14.52 11.44 13.96
C VAL B 164 -15.37 12.57 13.36
N GLU B 165 -14.77 13.51 12.65
CA GLU B 165 -15.53 14.54 11.95
C GLU B 165 -15.08 14.60 10.52
N PHE B 166 -16.04 14.82 9.63
CA PHE B 166 -15.81 14.87 8.20
C PHE B 166 -16.23 16.17 7.63
N GLY B 167 -15.37 16.79 6.85
CA GLY B 167 -15.66 18.09 6.26
C GLY B 167 -15.32 18.18 4.82
N THR B 168 -16.13 18.96 4.11
CA THR B 168 -15.82 19.27 2.75
C THR B 168 -15.15 20.65 2.61
N ILE B 169 -14.28 20.82 1.67
CA ILE B 169 -13.59 22.11 1.53
C ILE B 169 -14.35 22.87 0.47
N GLY B 170 -14.74 24.07 0.79
CA GLY B 170 -15.46 24.94 -0.19
C GLY B 170 -14.66 25.17 -1.44
N PRO B 171 -15.31 25.25 -2.61
CA PRO B 171 -14.57 25.23 -3.85
C PRO B 171 -13.67 26.43 -4.01
N ASP B 172 -14.09 27.54 -3.47
CA ASP B 172 -13.26 28.71 -3.50
C ASP B 172 -11.99 28.58 -2.63
N ASN B 173 -11.98 27.65 -1.69
CA ASN B 173 -10.83 27.41 -0.81
C ASN B 173 -9.95 26.29 -1.29
N TRP B 174 -10.22 25.77 -2.49
CA TRP B 174 -9.51 24.65 -3.09
C TRP B 174 -9.05 24.93 -4.51
N ASN B 175 -9.97 25.37 -5.38
CA ASN B 175 -9.69 25.46 -6.80
C ASN B 175 -8.69 26.55 -7.20
N MET B 176 -8.06 26.33 -8.34
CA MET B 176 -7.20 27.35 -8.93
C MET B 176 -7.97 28.68 -8.91
N PRO B 177 -7.39 29.73 -8.34
CA PRO B 177 -8.05 31.04 -8.26
C PRO B 177 -8.03 31.78 -9.64
N ASP B 178 -8.84 32.84 -9.74
CA ASP B 178 -8.91 33.64 -11.01
C ASP B 178 -7.61 34.41 -11.32
N SER B 179 -6.85 34.71 -10.28
CA SER B 179 -5.55 35.35 -10.47
C SER B 179 -4.64 34.58 -11.41
N ILE B 180 -4.88 33.31 -11.67
CA ILE B 180 -3.97 32.51 -12.48
C ILE B 180 -4.43 32.51 -13.93
N ASP B 181 -3.51 32.66 -14.88
CA ASP B 181 -3.78 32.46 -16.27
C ASP B 181 -3.64 30.99 -16.62
N ARG B 182 -4.78 30.37 -16.82
CA ARG B 182 -4.78 28.95 -17.11
C ARG B 182 -3.96 28.56 -18.33
N GLU B 183 -3.89 29.42 -19.32
CA GLU B 183 -3.07 29.06 -20.50
C GLU B 183 -1.53 29.08 -20.20
N ARG B 184 -1.11 30.04 -19.40
CA ARG B 184 0.28 30.02 -18.92
C ARG B 184 0.59 28.76 -18.05
N TYR B 185 -0.34 28.46 -17.15
CA TYR B 185 -0.28 27.28 -16.34
C TYR B 185 0.00 26.09 -17.26
N ASP B 186 -0.78 25.98 -18.36
CA ASP B 186 -0.68 24.77 -19.21
C ASP B 186 0.65 24.64 -19.89
N GLN B 187 1.15 25.77 -20.34
CA GLN B 187 2.41 25.82 -21.05
C GLN B 187 3.55 25.56 -20.07
N GLU B 188 3.53 26.24 -18.92
CA GLU B 188 4.58 25.97 -17.89
C GLU B 188 4.61 24.50 -17.49
N MET B 189 3.44 23.88 -17.30
CA MET B 189 3.39 22.50 -16.86
C MET B 189 3.72 21.53 -18.01
N ASP B 190 3.45 21.92 -19.27
CA ASP B 190 4.07 21.18 -20.42
C ASP B 190 5.58 21.15 -20.35
N LYS B 191 6.20 22.32 -20.29
CA LYS B 191 7.66 22.36 -20.17
C LYS B 191 8.11 21.47 -19.02
N MET B 192 7.50 21.69 -17.86
CA MET B 192 7.85 20.93 -16.67
C MET B 192 7.70 19.39 -16.84
N SER B 193 6.66 18.92 -17.52
CA SER B 193 6.51 17.46 -17.74
C SER B 193 7.63 16.85 -18.61
N LYS B 194 8.21 17.64 -19.53
CA LYS B 194 9.36 17.19 -20.36
C LYS B 194 10.55 16.93 -19.47
N GLU B 195 10.68 17.71 -18.41
CA GLU B 195 11.69 17.47 -17.39
C GLU B 195 11.28 16.33 -16.47
N ASN B 196 10.16 15.68 -16.75
CA ASN B 196 9.71 14.61 -15.93
C ASN B 196 9.45 14.96 -14.45
N ILE B 197 8.89 16.13 -14.20
CA ILE B 197 8.57 16.48 -12.83
C ILE B 197 7.24 15.83 -12.48
N GLN B 198 7.28 14.98 -11.48
CA GLN B 198 6.11 14.32 -11.00
C GLN B 198 4.95 15.29 -10.64
N TYR B 199 3.78 14.93 -11.13
CA TYR B 199 2.50 15.61 -10.92
C TYR B 199 2.43 16.97 -11.57
N ALA B 200 3.37 17.32 -12.43
CA ALA B 200 3.41 18.71 -12.94
C ALA B 200 2.08 19.08 -13.57
N GLU B 201 1.50 18.16 -14.33
CA GLU B 201 0.27 18.45 -15.06
C GLU B 201 -0.97 17.97 -14.30
N VAL B 202 -0.83 17.59 -13.01
CA VAL B 202 -2.01 17.18 -12.22
C VAL B 202 -2.54 18.34 -11.43
N GLU B 203 -3.64 18.95 -11.88
CA GLU B 203 -4.10 20.17 -11.30
C GLU B 203 -4.47 20.00 -9.82
N SER B 204 -5.08 18.86 -9.47
CA SER B 204 -5.50 18.60 -8.08
C SER B 204 -4.25 18.68 -7.11
N TYR B 205 -3.09 18.32 -7.64
CA TYR B 205 -1.86 18.23 -6.81
C TYR B 205 -1.39 19.62 -6.48
N HIS B 206 -1.42 20.50 -7.49
CA HIS B 206 -1.21 21.90 -7.24
C HIS B 206 -2.17 22.45 -6.20
N ASN B 207 -3.46 22.14 -6.32
CA ASN B 207 -4.45 22.62 -5.38
C ASN B 207 -4.14 22.08 -3.99
N MET B 208 -3.76 20.82 -3.91
CA MET B 208 -3.43 20.23 -2.60
C MET B 208 -2.26 20.94 -1.92
N CYS B 209 -1.23 21.19 -2.67
CA CYS B 209 -0.03 21.84 -2.13
C CYS B 209 -0.34 23.21 -1.59
N ARG B 210 -1.12 23.95 -2.36
CA ARG B 210 -1.56 25.24 -1.91
C ARG B 210 -2.47 25.17 -0.66
N PHE B 211 -3.45 24.24 -0.67
CA PHE B 211 -4.37 24.08 0.45
C PHE B 211 -3.56 23.71 1.74
N TYR B 212 -2.64 22.76 1.60
CA TYR B 212 -1.83 22.34 2.83
C TYR B 212 -0.85 23.43 3.26
N SER B 213 -0.51 24.37 2.36
CA SER B 213 0.38 25.47 2.70
C SER B 213 -0.38 26.50 3.47
N LYS B 214 -1.55 26.92 2.94
CA LYS B 214 -2.15 28.20 3.44
C LYS B 214 -3.61 28.23 3.84
N GLU B 215 -4.32 27.13 3.62
CA GLU B 215 -5.78 27.14 3.83
C GLU B 215 -6.29 26.14 4.86
N PHE B 216 -5.61 24.98 5.04
CA PHE B 216 -6.23 23.88 5.83
C PHE B 216 -6.60 24.33 7.22
N TYR B 217 -5.75 25.18 7.82
CA TYR B 217 -5.98 25.60 9.22
C TYR B 217 -7.10 26.64 9.35
N HIS B 218 -7.60 27.13 8.24
CA HIS B 218 -8.80 27.97 8.23
C HIS B 218 -10.08 27.17 8.03
N HIS B 219 -10.02 25.85 7.83
CA HIS B 219 -11.26 25.13 7.66
C HIS B 219 -12.06 25.22 8.95
N PRO B 220 -13.40 25.43 8.84
CA PRO B 220 -14.19 25.56 10.04
C PRO B 220 -14.02 24.46 11.11
N LEU B 221 -13.81 23.20 10.70
CA LEU B 221 -13.72 22.14 11.69
C LEU B 221 -12.47 22.26 12.54
N LEU B 222 -11.48 23.00 12.01
CA LEU B 222 -10.19 23.10 12.68
C LEU B 222 -10.10 24.36 13.56
N SER B 223 -11.14 25.17 13.53
CA SER B 223 -11.07 26.49 14.27
C SER B 223 -10.94 26.18 15.75
N LYS B 224 -11.48 25.05 16.23
CA LYS B 224 -11.40 24.75 17.65
C LYS B 224 -10.09 24.08 18.11
N TYR B 225 -9.16 23.81 17.22
CA TYR B 225 -7.93 23.09 17.64
C TYR B 225 -6.70 24.01 17.58
N LYS B 226 -5.75 23.73 18.49
CA LYS B 226 -4.44 24.35 18.49
C LYS B 226 -3.38 23.47 17.74
N TYR B 227 -3.57 22.14 17.77
CA TYR B 227 -2.55 21.20 17.23
C TYR B 227 -3.18 20.29 16.23
N VAL B 228 -2.39 19.91 15.21
CA VAL B 228 -2.81 18.85 14.30
C VAL B 228 -1.64 17.88 14.23
N TRP B 229 -1.99 16.61 14.11
CA TRP B 229 -1.09 15.59 13.67
C TRP B 229 -1.59 15.24 12.27
N ARG B 230 -0.83 15.59 11.25
CA ARG B 230 -1.11 15.19 9.88
C ARG B 230 -0.80 13.72 9.60
N LEU B 231 -1.81 13.02 9.06
CA LEU B 231 -1.73 11.62 8.68
C LEU B 231 -2.08 11.46 7.20
N GLU B 232 -1.26 10.72 6.47
CA GLU B 232 -1.52 10.45 5.05
C GLU B 232 -1.78 8.96 4.84
N PRO B 233 -2.41 8.64 3.73
CA PRO B 233 -2.66 7.23 3.46
C PRO B 233 -1.36 6.42 3.28
N ASN B 234 -1.44 5.14 3.61
CA ASN B 234 -0.35 4.22 3.27
C ASN B 234 1.00 4.48 4.00
N VAL B 235 0.94 4.89 5.26
CA VAL B 235 2.15 5.07 6.04
C VAL B 235 2.17 4.06 7.12
N ASN B 236 3.32 3.96 7.75
CA ASN B 236 3.58 2.97 8.78
C ASN B 236 4.16 3.59 10.01
N PHE B 237 3.74 3.10 11.17
CA PHE B 237 4.34 3.45 12.42
C PHE B 237 4.91 2.21 13.02
N TYR B 238 6.07 2.33 13.64
CA TYR B 238 6.78 1.12 14.13
C TYR B 238 7.00 1.04 15.61
N CYS B 239 6.81 2.15 16.35
CA CYS B 239 7.24 2.18 17.72
C CYS B 239 6.21 2.76 18.62
N LYS B 240 6.07 2.15 19.79
CA LYS B 240 5.10 2.63 20.75
C LYS B 240 5.49 3.99 21.35
N ILE B 241 4.49 4.84 21.43
CA ILE B 241 4.63 6.16 21.99
C ILE B 241 3.73 6.25 23.20
N ASN B 242 4.35 6.33 24.38
CA ASN B 242 3.64 6.23 25.66
C ASN B 242 3.51 7.55 26.47
N TYR B 243 3.57 8.66 25.79
CA TYR B 243 3.30 9.97 26.33
C TYR B 243 2.42 10.70 25.35
N ASP B 244 1.66 11.65 25.85
CA ASP B 244 0.79 12.54 25.04
C ASP B 244 1.65 13.53 24.25
N VAL B 245 1.64 13.37 22.93
CA VAL B 245 2.52 14.10 22.05
C VAL B 245 2.17 15.55 21.98
N PHE B 246 0.89 15.85 21.86
CA PHE B 246 0.47 17.28 21.90
C PHE B 246 0.82 17.94 23.22
N GLN B 247 0.64 17.26 24.31
CA GLN B 247 1.01 17.85 25.64
C GLN B 247 2.52 18.01 25.77
N PHE B 248 3.31 17.09 25.20
CA PHE B 248 4.74 17.27 25.15
C PHE B 248 5.10 18.53 24.41
N MET B 249 4.44 18.76 23.29
CA MET B 249 4.72 19.98 22.48
C MET B 249 4.42 21.24 23.30
N ASN B 250 3.26 21.24 23.91
CA ASN B 250 2.81 22.38 24.65
C ASN B 250 3.70 22.64 25.86
N LYS B 251 3.95 21.61 26.67
CA LYS B 251 4.75 21.77 27.85
C LYS B 251 6.21 22.15 27.55
N ASN B 252 6.77 21.81 26.40
CA ASN B 252 8.15 22.11 26.08
C ASN B 252 8.32 23.21 25.01
N ASP B 253 7.24 23.94 24.76
CA ASP B 253 7.21 25.07 23.81
C ASP B 253 7.71 24.74 22.43
N LYS B 254 7.24 23.60 21.89
CA LYS B 254 7.53 23.25 20.55
C LYS B 254 6.36 23.58 19.66
N ILE B 255 6.68 24.23 18.55
CA ILE B 255 5.64 24.58 17.59
C ILE B 255 5.54 23.63 16.41
N TYR B 256 6.50 22.70 16.27
CA TYR B 256 6.52 21.87 15.09
C TYR B 256 7.31 20.60 15.42
N GLY B 257 6.79 19.49 14.94
CA GLY B 257 7.44 18.20 15.05
C GLY B 257 7.55 17.51 13.72
N PHE B 258 8.74 16.92 13.46
CA PHE B 258 9.01 16.23 12.24
C PHE B 258 9.78 14.94 12.54
N VAL B 259 9.78 14.07 11.54
CA VAL B 259 10.58 12.85 11.56
C VAL B 259 11.67 12.70 10.48
N LEU B 260 11.41 13.28 9.30
CA LEU B 260 12.24 13.10 8.16
C LEU B 260 12.53 14.49 7.54
N ASN B 261 13.71 14.66 6.94
CA ASN B 261 14.22 15.99 6.54
C ASN B 261 14.99 15.75 5.25
N LEU B 262 14.53 16.34 4.16
CA LEU B 262 14.95 15.99 2.83
C LEU B 262 15.30 17.22 1.96
N TYR B 263 16.02 16.93 0.92
CA TYR B 263 16.21 17.83 -0.20
C TYR B 263 14.95 17.71 -1.10
N ASP B 264 14.65 18.78 -1.80
CA ASP B 264 13.59 18.77 -2.74
C ASP B 264 14.13 18.77 -4.18
N SER B 265 13.21 18.53 -5.11
CA SER B 265 13.47 18.64 -6.53
C SER B 265 13.51 20.11 -6.91
N PRO B 266 14.72 20.63 -7.25
CA PRO B 266 14.85 22.08 -7.41
C PRO B 266 13.94 22.66 -8.55
N GLN B 267 13.66 21.85 -9.55
CA GLN B 267 12.88 22.32 -10.73
C GLN B 267 11.43 22.53 -10.37
N THR B 268 10.96 22.05 -9.21
CA THR B 268 9.61 22.37 -8.77
C THR B 268 9.50 23.73 -8.16
N ILE B 269 10.64 24.30 -7.77
CA ILE B 269 10.66 25.50 -6.96
C ILE B 269 11.68 26.51 -7.46
N GLU B 270 11.75 26.65 -8.78
CA GLU B 270 12.74 27.55 -9.39
C GLU B 270 12.82 28.92 -8.75
N THR B 271 11.71 29.59 -8.51
CA THR B 271 11.72 30.91 -7.92
C THR B 271 11.18 31.05 -6.51
N LEU B 272 11.01 29.98 -5.78
CA LEU B 272 10.45 30.11 -4.44
C LEU B 272 11.40 30.84 -3.43
N TRP B 273 12.66 30.48 -3.47
CA TRP B 273 13.67 31.16 -2.61
C TRP B 273 13.81 32.65 -2.99
N THR B 274 13.98 32.94 -4.26
CA THR B 274 14.21 34.37 -4.67
C THR B 274 13.02 35.19 -4.31
N SER B 275 11.82 34.66 -4.49
CA SER B 275 10.64 35.39 -4.03
C SER B 275 10.57 35.53 -2.52
N THR B 276 10.98 34.47 -1.82
CA THR B 276 10.92 34.51 -0.38
C THR B 276 11.95 35.52 0.15
N MET B 277 13.11 35.63 -0.52
CA MET B 277 14.08 36.69 -0.12
C MET B 277 13.54 38.12 -0.36
N ASP B 278 12.81 38.32 -1.46
CA ASP B 278 12.14 39.61 -1.69
C ASP B 278 11.18 39.86 -0.57
N PHE B 279 10.39 38.86 -0.16
CA PHE B 279 9.47 39.11 0.95
C PHE B 279 10.18 39.47 2.23
N VAL B 280 11.26 38.76 2.52
CA VAL B 280 12.03 39.02 3.75
C VAL B 280 12.68 40.42 3.75
N GLU B 281 13.23 40.86 2.62
CA GLU B 281 13.76 42.24 2.48
C GLU B 281 12.66 43.24 2.83
N GLU B 282 11.42 43.04 2.39
CA GLU B 282 10.30 43.94 2.76
C GLU B 282 9.81 43.80 4.19
N HIS B 283 10.07 42.68 4.86
CA HIS B 283 9.60 42.51 6.23
C HIS B 283 10.65 41.90 7.16
N PRO B 284 11.77 42.60 7.37
CA PRO B 284 12.84 42.09 8.21
C PRO B 284 12.47 41.79 9.63
N ASN B 285 11.49 42.51 10.15
CA ASN B 285 11.02 42.31 11.50
C ASN B 285 10.38 40.88 11.71
N TYR B 286 10.01 40.20 10.64
CA TYR B 286 9.44 38.83 10.77
C TYR B 286 10.53 37.79 11.00
N LEU B 287 11.77 38.10 10.61
CA LEU B 287 12.91 37.23 10.88
C LEU B 287 13.10 36.91 12.37
N ASN B 288 13.31 35.64 12.74
CA ASN B 288 13.72 35.27 14.10
C ASN B 288 15.20 35.17 14.17
N VAL B 289 15.82 35.73 15.21
CA VAL B 289 17.29 35.82 15.23
C VAL B 289 17.91 34.43 15.45
N ASN B 290 17.14 33.49 15.95
CA ASN B 290 17.56 32.12 16.06
C ASN B 290 16.96 31.17 14.99
N GLY B 291 16.70 31.70 13.81
CA GLY B 291 16.19 30.92 12.69
C GLY B 291 17.20 29.90 12.18
N ALA B 292 16.67 28.91 11.44
CA ALA B 292 17.50 27.83 10.96
C ALA B 292 18.23 28.21 9.69
N PHE B 293 19.08 29.24 9.76
CA PHE B 293 19.63 29.80 8.54
C PHE B 293 20.67 28.95 7.87
N ALA B 294 21.53 28.26 8.64
CA ALA B 294 22.49 27.41 8.05
C ALA B 294 21.84 26.25 7.23
N TRP B 295 20.79 25.69 7.78
CA TRP B 295 20.04 24.61 7.11
C TRP B 295 19.49 25.04 5.77
N LEU B 296 19.00 26.26 5.64
CA LEU B 296 18.58 26.81 4.35
C LEU B 296 19.74 27.07 3.33
N LYS B 297 20.96 27.24 3.82
CA LYS B 297 22.07 27.71 2.99
C LYS B 297 23.14 26.68 2.77
N ASP B 298 22.94 25.43 3.18
CA ASP B 298 23.93 24.41 3.06
C ASP B 298 24.04 23.93 1.63
N ASN B 299 25.18 24.23 1.01
CA ASN B 299 25.39 23.94 -0.39
C ASN B 299 26.32 22.78 -0.58
N SER B 300 26.72 22.14 0.51
CA SER B 300 27.80 21.19 0.41
C SER B 300 27.51 19.76 -0.07
N GLN B 301 26.28 19.26 0.18
CA GLN B 301 25.96 17.95 -0.24
C GLN B 301 25.39 17.92 -1.63
N ASN B 302 24.49 18.85 -1.95
CA ASN B 302 23.84 19.00 -3.27
C ASN B 302 23.99 20.42 -3.79
N PRO B 303 25.23 20.77 -4.24
CA PRO B 303 25.50 22.12 -4.68
C PRO B 303 24.68 22.52 -5.90
N LYS B 304 24.31 21.58 -6.71
CA LYS B 304 23.50 21.92 -7.91
C LYS B 304 22.13 22.35 -7.54
N ASN B 305 21.61 21.83 -6.41
CA ASN B 305 20.29 22.36 -5.88
C ASN B 305 20.36 23.82 -5.51
N TYR B 306 21.41 24.14 -4.78
CA TYR B 306 21.62 25.46 -4.30
C TYR B 306 21.84 26.47 -5.46
N ASP B 307 22.59 26.03 -6.47
CA ASP B 307 22.81 26.91 -7.65
C ASP B 307 21.56 27.08 -8.45
N TYR B 308 20.77 26.02 -8.61
CA TYR B 308 19.56 26.16 -9.38
C TYR B 308 18.56 27.15 -8.78
N THR B 309 18.45 27.20 -7.46
CA THR B 309 17.46 28.05 -6.79
C THR B 309 18.02 29.37 -6.47
N GLN B 310 19.30 29.50 -6.77
CA GLN B 310 20.02 30.74 -6.47
C GLN B 310 20.01 31.07 -5.00
N GLY B 311 20.32 30.04 -4.18
CA GLY B 311 20.60 30.30 -2.78
C GLY B 311 19.91 29.44 -1.72
N TYR B 312 19.16 28.41 -2.13
CA TYR B 312 18.41 27.58 -1.17
C TYR B 312 18.86 26.14 -1.30
N SER B 313 19.21 25.55 -0.17
CA SER B 313 19.63 24.15 -0.16
C SER B 313 18.58 23.20 -0.70
N THR B 314 17.35 23.61 -0.56
CA THR B 314 16.10 22.86 -0.82
C THR B 314 15.76 21.93 0.31
N CYS B 315 16.50 22.00 1.44
CA CYS B 315 16.12 21.16 2.59
C CYS B 315 14.76 21.57 3.15
N HIS B 316 13.96 20.55 3.52
CA HIS B 316 12.66 20.77 4.06
C HIS B 316 12.24 19.64 5.00
N PHE B 317 11.34 19.95 5.91
CA PHE B 317 10.71 18.91 6.73
C PHE B 317 9.77 18.17 5.77
N TRP B 318 9.73 16.85 5.90
CA TRP B 318 8.90 16.06 4.99
C TRP B 318 7.51 15.91 5.53
N THR B 319 6.67 16.81 5.09
CA THR B 319 5.40 17.10 5.76
C THR B 319 4.30 16.03 5.68
N ASN B 320 4.50 14.91 4.98
CA ASN B 320 3.48 13.87 5.07
C ASN B 320 3.18 13.46 6.49
N PHE B 321 4.19 13.56 7.35
CA PHE B 321 4.02 13.54 8.82
C PHE B 321 4.36 14.93 9.32
N GLU B 322 3.50 15.54 10.12
CA GLU B 322 3.92 16.74 10.83
C GLU B 322 3.02 16.91 12.07
N ILE B 323 3.59 17.37 13.19
CA ILE B 323 2.81 17.77 14.38
C ILE B 323 2.96 19.31 14.35
N VAL B 324 1.88 20.04 14.33
CA VAL B 324 2.00 21.47 14.13
CA VAL B 324 1.88 21.46 14.03
C VAL B 324 1.09 22.26 15.08
N ASP B 325 1.68 23.30 15.65
CA ASP B 325 1.02 24.27 16.49
C ASP B 325 0.40 25.28 15.53
N LEU B 326 -0.92 25.20 15.37
CA LEU B 326 -1.58 26.07 14.42
C LEU B 326 -1.50 27.58 14.75
N ASP B 327 -1.20 27.91 15.98
CA ASP B 327 -0.93 29.33 16.34
C ASP B 327 0.23 29.90 15.50
N PHE B 328 1.24 29.07 15.13
CA PHE B 328 2.24 29.58 14.26
C PHE B 328 1.72 29.91 12.85
N LEU B 329 0.93 29.00 12.29
CA LEU B 329 0.43 29.18 10.93
C LEU B 329 -0.56 30.37 10.88
N ARG B 330 -1.26 30.57 11.99
CA ARG B 330 -2.23 31.66 12.09
C ARG B 330 -1.58 33.04 12.38
N SER B 331 -0.29 33.07 12.68
CA SER B 331 0.45 34.27 13.08
C SER B 331 0.74 35.11 11.91
N GLU B 332 1.02 36.40 12.16
CA GLU B 332 1.11 37.39 11.08
C GLU B 332 2.19 37.07 10.10
N PRO B 333 3.39 36.64 10.55
CA PRO B 333 4.41 36.39 9.55
C PRO B 333 4.05 35.27 8.57
N TYR B 334 3.48 34.19 9.09
CA TYR B 334 3.11 33.04 8.24
C TYR B 334 2.02 33.46 7.28
N GLU B 335 0.97 34.07 7.80
CA GLU B 335 -0.16 34.47 6.92
C GLU B 335 0.22 35.50 5.84
N LYS B 336 1.11 36.43 6.20
CA LYS B 336 1.58 37.41 5.21
C LYS B 336 2.44 36.77 4.17
N TYR B 337 3.26 35.82 4.62
CA TYR B 337 4.08 35.12 3.66
C TYR B 337 3.19 34.36 2.70
N MET B 338 2.18 33.67 3.24
CA MET B 338 1.27 32.90 2.36
C MET B 338 0.59 33.82 1.29
N GLN B 339 0.08 34.94 1.73
CA GLN B 339 -0.47 35.96 0.80
C GLN B 339 0.51 36.40 -0.31
N TYR B 340 1.75 36.61 0.07
CA TYR B 340 2.79 36.95 -0.88
C TYR B 340 3.00 35.85 -1.89
N LEU B 341 3.08 34.62 -1.40
CA LEU B 341 3.26 33.53 -2.37
C LEU B 341 2.01 33.37 -3.27
N GLU B 342 0.83 33.57 -2.72
CA GLU B 342 -0.44 33.48 -3.48
C GLU B 342 -0.36 34.47 -4.67
N GLU B 343 0.08 35.69 -4.40
CA GLU B 343 0.25 36.73 -5.43
C GLU B 343 1.24 36.39 -6.49
N LYS B 344 2.34 35.73 -6.15
CA LYS B 344 3.28 35.26 -7.16
C LYS B 344 2.78 34.19 -8.06
N GLY B 345 1.84 33.37 -7.60
CA GLY B 345 1.27 32.34 -8.43
C GLY B 345 2.10 31.11 -8.57
N GLY B 346 3.22 31.02 -7.83
CA GLY B 346 4.09 29.82 -8.02
C GLY B 346 3.49 28.46 -7.61
N PHE B 347 2.40 28.41 -6.85
CA PHE B 347 1.69 27.15 -6.67
C PHE B 347 1.22 26.54 -8.00
N TYR B 348 1.05 27.39 -9.04
CA TYR B 348 0.54 26.95 -10.33
C TYR B 348 1.52 27.11 -11.48
N TYR B 349 2.23 28.23 -11.54
CA TYR B 349 3.25 28.43 -12.57
C TYR B 349 4.51 27.63 -12.34
N GLU B 350 4.73 27.24 -11.06
CA GLU B 350 5.74 26.28 -10.77
C GLU B 350 5.02 25.13 -10.04
N ARG B 351 5.70 24.33 -9.22
CA ARG B 351 5.01 23.22 -8.55
C ARG B 351 5.41 23.28 -7.08
N TRP B 352 5.19 24.42 -6.47
CA TRP B 352 5.68 24.60 -5.13
C TRP B 352 4.92 23.67 -4.16
N GLY B 353 5.63 22.79 -3.46
CA GLY B 353 5.06 21.91 -2.44
C GLY B 353 4.80 22.59 -1.12
N ASP B 354 3.85 22.06 -0.38
CA ASP B 354 3.61 22.54 0.98
C ASP B 354 4.86 22.38 1.89
N ALA B 355 5.64 21.35 1.64
CA ALA B 355 6.81 21.03 2.46
C ALA B 355 7.90 22.15 2.42
N PRO B 356 8.38 22.55 1.24
CA PRO B 356 9.33 23.69 1.25
C PRO B 356 8.77 24.99 1.74
N VAL B 357 7.52 25.27 1.43
CA VAL B 357 6.87 26.48 1.89
C VAL B 357 6.73 26.53 3.37
N ARG B 358 6.18 25.47 3.97
CA ARG B 358 6.10 25.41 5.45
C ARG B 358 7.49 25.53 6.08
N SER B 359 8.47 24.87 5.48
CA SER B 359 9.83 24.75 6.02
C SER B 359 10.58 26.10 5.96
N LEU B 360 10.36 26.86 4.89
CA LEU B 360 10.97 28.21 4.80
C LEU B 360 10.44 29.15 5.85
N ALA B 361 9.13 29.09 6.05
CA ALA B 361 8.51 29.88 7.06
C ALA B 361 9.00 29.52 8.46
N LEU B 362 9.04 28.22 8.75
CA LEU B 362 9.52 27.80 10.07
C LEU B 362 11.01 28.23 10.29
N ALA B 363 11.84 28.06 9.28
CA ALA B 363 13.26 28.33 9.44
C ALA B 363 13.54 29.87 9.56
N LEU B 364 12.75 30.68 8.87
CA LEU B 364 12.99 32.13 8.82
C LEU B 364 12.29 32.85 9.96
N PHE B 365 11.11 32.38 10.38
CA PHE B 365 10.24 33.19 11.25
C PHE B 365 10.09 32.65 12.61
N ALA B 366 10.82 31.60 12.96
CA ALA B 366 10.72 30.96 14.27
C ALA B 366 12.10 30.57 14.75
N ASP B 367 12.20 30.43 16.05
CA ASP B 367 13.40 29.99 16.71
C ASP B 367 13.58 28.50 16.46
N LYS B 368 14.72 28.11 15.92
CA LYS B 368 14.92 26.74 15.53
C LYS B 368 14.87 25.70 16.70
N SER B 369 15.08 26.15 17.94
CA SER B 369 15.01 25.27 19.11
C SER B 369 13.54 24.94 19.52
N SER B 370 12.58 25.59 18.85
CA SER B 370 11.18 25.27 19.00
C SER B 370 10.66 24.19 18.02
N ILE B 371 11.53 23.68 17.16
CA ILE B 371 11.19 22.71 16.10
C ILE B 371 11.84 21.38 16.54
N HIS B 372 11.02 20.38 16.83
CA HIS B 372 11.42 19.17 17.50
C HIS B 372 11.54 18.04 16.47
N TRP B 373 12.65 17.30 16.53
CA TRP B 373 12.83 16.07 15.77
C TRP B 373 12.40 14.86 16.62
N PHE B 374 11.29 14.22 16.20
CA PHE B 374 10.69 13.12 16.95
C PHE B 374 11.45 11.84 16.60
N ARG B 375 12.64 11.71 17.16
CA ARG B 375 13.50 10.58 16.87
C ARG B 375 12.80 9.25 17.19
N ASP B 376 11.98 9.27 18.22
CA ASP B 376 11.35 8.07 18.73
C ASP B 376 10.18 7.60 17.89
N ILE B 377 9.66 8.44 16.99
CA ILE B 377 8.49 8.07 16.18
C ILE B 377 8.99 7.32 14.95
N GLY B 378 9.05 6.00 15.07
CA GLY B 378 9.44 5.17 13.96
C GLY B 378 8.33 5.29 12.85
N TYR B 379 8.71 5.60 11.64
CA TYR B 379 7.73 6.03 10.65
C TYR B 379 8.21 5.80 9.24
N HIS B 380 7.30 5.37 8.37
CA HIS B 380 7.63 5.23 6.92
C HIS B 380 6.56 5.76 6.04
N HIS B 381 6.98 6.47 5.00
CA HIS B 381 6.17 6.81 3.87
C HIS B 381 7.10 6.59 2.71
N THR B 382 6.66 5.87 1.72
CA THR B 382 7.60 5.55 0.62
C THR B 382 8.32 6.80 0.05
N PRO B 383 9.63 6.76 -0.19
CA PRO B 383 10.59 5.66 -0.03
C PRO B 383 11.48 5.76 1.23
N TYR B 384 11.08 6.49 2.26
CA TYR B 384 12.01 6.80 3.36
C TYR B 384 11.44 6.39 4.69
N THR B 385 12.37 6.06 5.59
CA THR B 385 12.00 5.56 6.90
C THR B 385 12.88 6.20 7.98
N ASN B 386 12.23 6.64 9.09
CA ASN B 386 12.92 6.94 10.32
C ASN B 386 12.73 5.72 11.24
N CYS B 387 13.81 4.99 11.51
CA CYS B 387 13.75 3.75 12.27
C CYS B 387 14.78 3.78 13.40
N PRO B 388 14.37 4.16 14.64
CA PRO B 388 15.37 4.35 15.68
C PRO B 388 15.82 3.03 16.30
N THR B 389 16.77 3.12 17.24
CA THR B 389 17.31 2.00 17.92
C THR B 389 16.84 1.99 19.38
N CYS B 390 16.38 0.84 19.86
CA CYS B 390 15.94 0.63 21.23
C CYS B 390 17.06 -0.02 22.08
N PRO B 391 16.98 0.12 23.40
CA PRO B 391 17.82 -0.68 24.30
C PRO B 391 17.54 -2.15 24.12
N ALA B 392 18.53 -2.98 24.40
CA ALA B 392 18.43 -4.44 24.15
C ALA B 392 17.25 -5.11 24.82
N ASP B 393 16.80 -4.69 25.98
CA ASP B 393 15.67 -5.49 26.42
C ASP B 393 14.30 -4.83 26.26
N SER B 394 14.17 -4.00 25.23
CA SER B 394 12.98 -3.20 25.05
C SER B 394 12.18 -3.81 23.95
N ASP B 395 10.88 -3.77 24.13
CA ASP B 395 9.98 -4.17 23.08
C ASP B 395 9.25 -2.90 22.49
N ARG B 396 9.82 -1.72 22.65
CA ARG B 396 9.12 -0.51 22.21
C ARG B 396 8.82 -0.50 20.69
N CYS B 397 9.74 -0.96 19.87
CA CYS B 397 9.50 -0.99 18.44
C CYS B 397 9.12 -2.39 18.02
N ASN B 398 8.39 -2.51 16.94
CA ASN B 398 7.83 -3.84 16.58
C ASN B 398 8.72 -4.66 15.72
N GLY B 399 9.86 -4.14 15.31
CA GLY B 399 10.76 -4.91 14.50
C GLY B 399 10.48 -4.93 13.01
N ASN B 400 9.50 -4.18 12.51
CA ASN B 400 9.22 -4.11 11.06
C ASN B 400 10.02 -3.08 10.29
N CYS B 401 10.96 -2.41 10.95
CA CYS B 401 11.87 -1.57 10.24
C CYS B 401 13.30 -1.89 10.71
N VAL B 402 14.26 -1.70 9.82
CA VAL B 402 15.69 -1.88 10.08
C VAL B 402 16.33 -0.54 10.63
N PRO B 403 16.86 -0.57 11.84
CA PRO B 403 17.31 0.67 12.51
C PRO B 403 18.34 1.35 11.70
N GLY B 404 18.10 2.65 11.45
CA GLY B 404 19.00 3.49 10.75
C GLY B 404 18.95 3.40 9.25
N LYS B 405 18.13 2.50 8.72
CA LYS B 405 18.04 2.42 7.27
C LYS B 405 17.02 3.42 6.67
N PHE B 406 17.54 4.53 6.18
CA PHE B 406 16.78 5.64 5.71
C PHE B 406 16.01 5.25 4.45
N THR B 407 16.64 4.45 3.59
CA THR B 407 16.04 4.02 2.35
C THR B 407 16.75 2.77 1.80
N PRO B 408 16.03 1.89 1.11
CA PRO B 408 16.70 0.70 0.57
C PRO B 408 17.52 1.01 -0.70
N TRP B 409 17.29 2.16 -1.30
CA TRP B 409 17.92 2.57 -2.53
C TRP B 409 19.03 3.61 -2.23
N SER B 410 20.28 3.16 -2.20
CA SER B 410 21.41 3.97 -1.77
C SER B 410 21.61 5.19 -2.68
N ASP B 411 21.15 5.17 -3.93
CA ASP B 411 21.18 6.36 -4.74
C ASP B 411 20.42 7.53 -4.16
N LEU B 412 19.39 7.26 -3.37
CA LEU B 412 18.62 8.34 -2.75
C LEU B 412 19.25 8.80 -1.42
N ASP B 413 20.38 8.23 -1.00
CA ASP B 413 21.01 8.69 0.28
C ASP B 413 21.32 10.16 0.26
N ASN B 414 21.65 10.69 -0.91
CA ASN B 414 21.91 12.13 -0.98
C ASN B 414 20.69 13.06 -0.93
N GLN B 415 19.49 12.49 -0.84
CA GLN B 415 18.29 13.26 -0.56
C GLN B 415 18.03 13.51 0.95
N ASN B 416 18.82 12.92 1.82
CA ASN B 416 18.69 13.10 3.28
C ASN B 416 19.40 14.41 3.69
N CYS B 417 18.63 15.30 4.32
CA CYS B 417 19.18 16.54 4.87
C CYS B 417 19.32 16.50 6.37
N GLN B 418 19.05 15.35 6.99
CA GLN B 418 19.01 15.30 8.44
C GLN B 418 20.38 15.63 9.08
N ALA B 419 21.52 15.26 8.46
CA ALA B 419 22.83 15.59 9.00
C ALA B 419 23.02 17.08 9.11
N THR B 420 22.52 17.84 8.14
CA THR B 420 22.59 19.30 8.19
C THR B 420 21.82 19.89 9.38
N TRP B 421 20.63 19.36 9.61
CA TRP B 421 19.83 19.78 10.74
C TRP B 421 20.54 19.41 12.09
N ILE B 422 21.08 18.22 12.16
CA ILE B 422 21.82 17.80 13.38
C ILE B 422 23.02 18.71 13.60
N ARG B 423 23.77 18.93 12.55
CA ARG B 423 25.02 19.72 12.66
C ARG B 423 24.78 21.18 13.02
N HIS B 424 23.77 21.79 12.44
CA HIS B 424 23.61 23.26 12.50
C HIS B 424 22.39 23.77 13.25
N SER B 425 21.39 22.93 13.44
CA SER B 425 20.17 23.43 13.98
C SER B 425 19.91 22.95 15.36
N MET B 426 20.60 21.93 15.82
CA MET B 426 20.32 21.42 17.15
C MET B 426 21.35 21.91 18.16
N SER B 427 20.89 22.59 19.21
CA SER B 427 21.82 22.91 20.30
C SER B 427 21.84 21.80 21.32
N GLU B 428 22.62 22.01 22.40
CA GLU B 428 22.81 20.98 23.46
C GLU B 428 21.45 20.46 23.98
N GLU B 429 20.47 21.32 24.15
CA GLU B 429 19.21 20.93 24.77
C GLU B 429 18.45 19.99 23.76
N GLU B 430 18.61 20.21 22.48
CA GLU B 430 17.98 19.29 21.47
C GLU B 430 18.80 18.02 21.34
N LEU B 431 20.11 18.18 21.26
CA LEU B 431 20.98 17.04 21.05
C LEU B 431 20.81 16.07 22.19
N GLU B 432 20.53 16.54 23.40
CA GLU B 432 20.42 15.68 24.59
C GLU B 432 19.01 15.30 25.02
N MET B 433 18.07 15.55 24.11
CA MET B 433 16.66 15.37 24.39
C MET B 433 16.29 13.86 24.35
N TYR B 434 17.07 13.05 23.66
CA TYR B 434 16.90 11.60 23.66
C TYR B 434 18.15 10.87 24.03
PB GDP C . -3.47 -7.38 -10.17
O1B GDP C . -3.36 -7.85 -8.70
O2B GDP C . -3.99 -6.04 -10.33
O3B GDP C . -4.01 -8.23 -11.16
O3A GDP C . -2.00 -7.25 -10.79
PA GDP C . -0.57 -7.00 -10.17
O1A GDP C . 0.04 -5.82 -10.73
O2A GDP C . -0.45 -7.16 -8.70
O5' GDP C . 0.21 -8.22 -10.83
C5' GDP C . 0.18 -9.56 -10.33
C4' GDP C . 1.49 -10.05 -9.81
O4' GDP C . 2.50 -10.11 -10.87
C3' GDP C . 2.10 -9.22 -8.71
O3' GDP C . 2.88 -10.07 -7.87
C2' GDP C . 2.98 -8.24 -9.47
O2' GDP C . 4.10 -7.85 -8.73
C1' GDP C . 3.49 -9.12 -10.60
N9 GDP C . 3.74 -8.44 -11.89
C8 GDP C . 2.85 -7.81 -12.70
N7 GDP C . 3.51 -7.33 -13.81
C5 GDP C . 4.81 -7.73 -13.68
C6 GDP C . 6.02 -7.57 -14.49
O6 GDP C . 5.93 -6.99 -15.63
N1 GDP C . 7.15 -8.13 -14.06
C2 GDP C . 7.25 -8.77 -12.89
N2 GDP C . 8.48 -9.18 -12.55
N3 GDP C . 6.18 -8.91 -11.99
C4 GDP C . 4.98 -8.44 -12.40
MN MN D . -1.95 -7.62 -7.09
C ACT E . -24.84 -22.41 -22.73
O ACT E . -25.81 -21.93 -22.08
OXT ACT E . -23.95 -23.12 -22.21
CH3 ACT E . -24.71 -22.12 -24.22
PB GDP F . 2.66 12.83 -2.05
O1B GDP F . 3.01 11.86 -3.12
O2B GDP F . 3.16 14.15 -2.13
O3B GDP F . 2.72 12.22 -0.70
O3A GDP F . 1.12 13.15 -2.44
PA GDP F . -0.25 12.48 -2.00
O1A GDP F . -1.09 12.06 -3.12
O2A GDP F . -0.17 11.50 -0.90
O5' GDP F . -0.98 13.76 -1.43
C5' GDP F . -0.82 14.40 -0.16
C4' GDP F . -2.05 14.30 0.72
O4' GDP F . -3.10 15.02 0.07
C3' GDP F . -2.54 12.89 0.95
O3' GDP F . -3.19 12.84 2.26
C2' GDP F . -3.56 12.69 -0.19
O2' GDP F . -4.58 11.77 0.16
C1' GDP F . -4.13 14.05 -0.27
N9 GDP F . -4.57 14.44 -1.63
C8 GDP F . -3.84 14.58 -2.76
N7 GDP F . -4.66 15.02 -3.80
C5 GDP F . -5.92 15.17 -3.26
C6 GDP F . -7.22 15.62 -3.81
O6 GDP F . -7.19 15.94 -5.04
N1 GDP F . -8.27 15.61 -2.98
C2 GDP F . -8.18 15.19 -1.66
N2 GDP F . -9.26 15.22 -0.89
N3 GDP F . -6.99 14.78 -1.11
C4 GDP F . -5.87 14.81 -1.85
MN MN G . 1.54 10.73 0.38
C ACT H . 23.52 33.15 -2.66
O ACT H . 24.38 32.23 -2.69
OXT ACT H . 22.65 33.31 -1.76
CH3 ACT H . 23.52 34.17 -3.80
#